data_4DIP
#
_entry.id   4DIP
#
_cell.length_a   63.120
_cell.length_b   64.060
_cell.length_c   80.810
_cell.angle_alpha   81.23
_cell.angle_beta   75.21
_cell.angle_gamma   73.38
#
_symmetry.space_group_name_H-M   'P 1'
#
loop_
_entity.id
_entity.type
_entity.pdbx_description
1 polymer 'Peptidyl-prolyl cis-trans isomerase FKBP14'
2 non-polymer 'SODIUM ION'
3 non-polymer 'PHOSPHATE ION'
4 water water
#
_entity_poly.entity_id   1
_entity_poly.type   'polypeptide(L)'
_entity_poly.pdbx_seq_one_letter_code
;YFQSMGALIPEPEVKIEVLQKPFICHRKTKGGDLMLVHYEGYLEKDGSLFHSTHKHNNGQPIWFTLGILEALKGWDQGLK
GMCVGEKRKLIIPPALGYGKEGKGKIPPESTLIFNIDLLEIRNGP
;
_entity_poly.pdbx_strand_id   A,B,C,D,E,F,G,H,I,J
#
loop_
_chem_comp.id
_chem_comp.type
_chem_comp.name
_chem_comp.formula
NA non-polymer 'SODIUM ION' 'Na 1'
PO4 non-polymer 'PHOSPHATE ION' 'O4 P -3'
#
# COMPACT_ATOMS: atom_id res chain seq x y z
N MET A 5 -32.25 48.73 33.32
CA MET A 5 -33.26 48.84 32.22
C MET A 5 -33.43 47.58 31.36
N GLY A 6 -34.36 46.75 31.84
CA GLY A 6 -34.82 45.51 31.16
C GLY A 6 -35.16 45.68 29.69
N ALA A 7 -35.67 46.85 29.31
CA ALA A 7 -36.08 47.08 27.95
C ALA A 7 -34.94 46.95 26.94
N LEU A 8 -33.71 47.19 27.39
CA LEU A 8 -32.50 47.14 26.52
C LEU A 8 -31.74 45.80 26.57
N ILE A 9 -32.30 44.82 27.26
CA ILE A 9 -31.64 43.51 27.37
C ILE A 9 -32.26 42.61 26.29
N PRO A 10 -31.47 42.15 25.35
CA PRO A 10 -32.02 41.28 24.33
C PRO A 10 -32.28 39.84 24.85
N GLU A 11 -33.14 39.12 24.17
CA GLU A 11 -33.37 37.71 24.43
CA GLU A 11 -33.37 37.70 24.43
C GLU A 11 -32.10 36.91 24.06
N PRO A 12 -31.77 35.87 24.82
CA PRO A 12 -30.66 35.00 24.44
C PRO A 12 -30.87 34.52 23.01
N GLU A 13 -29.81 34.50 22.22
CA GLU A 13 -29.88 34.12 20.84
C GLU A 13 -28.56 33.44 20.42
N VAL A 14 -28.68 32.38 19.63
CA VAL A 14 -27.50 31.69 19.07
C VAL A 14 -26.87 32.54 17.96
N LYS A 15 -25.54 32.53 17.87
CA LYS A 15 -24.85 33.04 16.67
C LYS A 15 -24.60 31.85 15.75
N ILE A 16 -24.98 32.00 14.50
CA ILE A 16 -24.83 30.95 13.51
C ILE A 16 -23.78 31.40 12.50
N GLU A 17 -22.74 30.60 12.30
CA GLU A 17 -21.80 30.81 11.23
C GLU A 17 -21.86 29.63 10.31
N VAL A 18 -21.95 29.87 9.02
CA VAL A 18 -21.93 28.80 8.05
C VAL A 18 -20.46 28.56 7.64
N LEU A 19 -19.93 27.39 7.99
CA LEU A 19 -18.52 27.06 7.74
C LEU A 19 -18.32 26.48 6.37
N GLN A 20 -19.29 25.68 5.92
CA GLN A 20 -19.26 25.08 4.61
C GLN A 20 -20.69 24.99 4.11
N LYS A 21 -20.91 25.32 2.84
CA LYS A 21 -22.21 25.09 2.24
C LYS A 21 -22.02 24.63 0.80
N PRO A 22 -22.58 23.47 0.45
CA PRO A 22 -22.39 23.03 -0.93
C PRO A 22 -23.16 23.88 -1.92
N PHE A 23 -22.72 23.85 -3.17
CA PHE A 23 -23.44 24.52 -4.25
C PHE A 23 -24.83 23.88 -4.41
N ILE A 24 -24.92 22.56 -4.30
CA ILE A 24 -26.19 21.85 -4.41
C ILE A 24 -27.02 21.98 -3.16
N CYS A 25 -28.32 22.21 -3.34
CA CYS A 25 -29.25 22.02 -2.27
C CYS A 25 -30.62 21.56 -2.77
N HIS A 26 -31.00 20.32 -2.48
CA HIS A 26 -32.31 19.77 -2.87
C HIS A 26 -33.38 19.97 -1.83
N ARG A 27 -33.02 20.19 -0.57
CA ARG A 27 -33.95 20.16 0.52
C ARG A 27 -33.32 20.83 1.73
N LYS A 28 -34.12 21.62 2.43
CA LYS A 28 -33.64 22.29 3.63
C LYS A 28 -34.44 21.83 4.83
N THR A 29 -33.79 21.78 5.98
CA THR A 29 -34.45 21.25 7.17
C THR A 29 -35.63 22.14 7.61
N LYS A 30 -36.67 21.48 8.09
CA LYS A 30 -37.85 22.13 8.64
C LYS A 30 -38.28 21.35 9.86
N GLY A 31 -39.19 21.93 10.63
CA GLY A 31 -39.64 21.33 11.88
C GLY A 31 -40.17 19.93 11.69
N GLY A 32 -39.75 19.02 12.54
CA GLY A 32 -40.14 17.62 12.45
C GLY A 32 -39.24 16.72 11.60
N ASP A 33 -38.36 17.30 10.77
CA ASP A 33 -37.35 16.51 10.03
C ASP A 33 -36.37 15.81 10.98
N LEU A 34 -35.97 14.62 10.56
CA LEU A 34 -34.92 13.87 11.18
C LEU A 34 -33.63 14.26 10.48
N MET A 35 -32.63 14.63 11.30
CA MET A 35 -31.36 15.07 10.80
C MET A 35 -30.29 14.12 11.29
N LEU A 36 -29.50 13.60 10.36
CA LEU A 36 -28.35 12.80 10.72
C LEU A 36 -27.17 13.72 10.79
N VAL A 37 -26.60 13.85 11.99
CA VAL A 37 -25.54 14.81 12.19
C VAL A 37 -24.31 14.26 12.91
N HIS A 38 -23.17 14.83 12.54
CA HIS A 38 -21.97 14.74 13.37
C HIS A 38 -21.86 16.06 14.10
N TYR A 39 -21.38 16.04 15.33
CA TYR A 39 -21.10 17.31 15.98
C TYR A 39 -19.91 17.22 16.89
N GLU A 40 -19.34 18.40 17.16
CA GLU A 40 -18.35 18.55 18.19
C GLU A 40 -18.87 19.69 19.03
N GLY A 41 -18.90 19.51 20.32
CA GLY A 41 -19.25 20.57 21.27
C GLY A 41 -18.09 20.95 22.17
N TYR A 42 -17.84 22.25 22.27
CA TYR A 42 -16.74 22.80 22.98
C TYR A 42 -17.24 23.82 23.97
N LEU A 43 -16.46 24.04 25.02
CA LEU A 43 -16.66 25.17 25.86
C LEU A 43 -16.04 26.42 25.22
N GLU A 44 -16.80 27.50 25.17
CA GLU A 44 -16.27 28.71 24.57
C GLU A 44 -15.09 29.30 25.35
N LYS A 45 -15.11 29.16 26.67
CA LYS A 45 -14.11 29.86 27.51
C LYS A 45 -12.70 29.40 27.19
N ASP A 46 -12.47 28.10 27.04
CA ASP A 46 -11.13 27.58 26.74
C ASP A 46 -11.03 26.79 25.45
N GLY A 47 -12.15 26.67 24.73
CA GLY A 47 -12.17 25.98 23.48
C GLY A 47 -12.09 24.47 23.61
N SER A 48 -12.16 23.94 24.82
CA SER A 48 -11.97 22.51 25.04
C SER A 48 -13.17 21.72 24.58
N LEU A 49 -12.91 20.55 24.03
CA LEU A 49 -13.98 19.63 23.64
C LEU A 49 -14.67 18.95 24.84
N PHE A 50 -16.00 19.03 24.92
CA PHE A 50 -16.76 18.28 25.96
C PHE A 50 -17.51 17.08 25.43
N HIS A 51 -17.92 17.09 24.17
CA HIS A 51 -18.63 15.95 23.61
C HIS A 51 -18.59 15.99 22.13
N SER A 52 -18.34 14.86 21.51
CA SER A 52 -18.45 14.77 20.06
C SER A 52 -18.89 13.39 19.65
N THR A 53 -19.51 13.30 18.49
CA THR A 53 -19.89 12.01 17.92
C THR A 53 -18.63 11.21 17.62
N HIS A 54 -17.62 11.91 17.11
CA HIS A 54 -16.36 11.26 16.71
C HIS A 54 -15.66 10.59 17.89
N LYS A 55 -15.56 11.30 19.01
CA LYS A 55 -14.89 10.77 20.23
C LYS A 55 -15.82 9.98 21.18
N HIS A 56 -17.06 10.44 21.40
CA HIS A 56 -17.94 9.83 22.42
C HIS A 56 -19.04 8.97 21.89
N ASN A 57 -19.20 8.90 20.57
CA ASN A 57 -20.16 7.96 20.00
C ASN A 57 -19.52 6.96 19.03
N ASN A 58 -18.30 6.53 19.33
CA ASN A 58 -17.61 5.49 18.56
C ASN A 58 -17.46 5.87 17.09
N GLY A 59 -17.30 7.17 16.84
CA GLY A 59 -17.18 7.66 15.47
C GLY A 59 -18.45 7.74 14.65
N GLN A 60 -19.60 7.44 15.25
CA GLN A 60 -20.87 7.37 14.52
C GLN A 60 -21.73 8.64 14.71
N PRO A 61 -22.41 9.08 13.64
CA PRO A 61 -23.34 10.20 13.75
C PRO A 61 -24.59 9.80 14.52
N ILE A 62 -25.42 10.80 14.83
CA ILE A 62 -26.66 10.59 15.55
C ILE A 62 -27.83 11.24 14.83
N TRP A 63 -29.04 10.72 15.10
CA TRP A 63 -30.28 11.33 14.61
C TRP A 63 -30.83 12.32 15.58
N PHE A 64 -31.22 13.48 15.07
CA PHE A 64 -31.83 14.58 15.83
C PHE A 64 -33.12 15.04 15.12
N THR A 65 -34.21 15.18 15.86
CA THR A 65 -35.46 15.72 15.32
C THR A 65 -35.50 17.22 15.57
N LEU A 66 -35.60 17.97 14.48
CA LEU A 66 -35.60 19.44 14.56
C LEU A 66 -36.94 19.95 15.07
N GLY A 67 -36.89 20.95 15.95
CA GLY A 67 -38.04 21.79 16.24
C GLY A 67 -39.02 21.26 17.25
N ILE A 68 -38.63 20.29 18.06
CA ILE A 68 -39.51 19.75 19.09
C ILE A 68 -38.86 19.85 20.47
N LEU A 69 -37.83 20.67 20.59
CA LEU A 69 -37.06 20.79 21.83
C LEU A 69 -36.60 19.41 22.35
N GLU A 70 -36.08 18.61 21.43
CA GLU A 70 -35.52 17.30 21.75
C GLU A 70 -34.19 17.43 22.49
N ALA A 71 -33.45 18.48 22.18
CA ALA A 71 -32.12 18.68 22.78
C ALA A 71 -31.99 20.11 23.31
N LEU A 72 -30.88 20.76 23.02
CA LEU A 72 -30.67 22.13 23.47
C LEU A 72 -31.59 23.06 22.67
N LYS A 73 -32.06 24.11 23.33
CA LYS A 73 -32.81 25.13 22.61
C LYS A 73 -32.02 25.70 21.45
N GLY A 74 -30.70 25.87 21.67
CA GLY A 74 -29.81 26.45 20.68
C GLY A 74 -29.71 25.65 19.40
N TRP A 75 -29.85 24.33 19.50
CA TRP A 75 -29.96 23.46 18.35
C TRP A 75 -31.20 23.76 17.53
N ASP A 76 -32.35 23.91 18.19
CA ASP A 76 -33.57 24.23 17.46
C ASP A 76 -33.43 25.57 16.76
N GLN A 77 -32.77 26.56 17.40
CA GLN A 77 -32.61 27.90 16.82
C GLN A 77 -31.59 27.89 15.70
N GLY A 78 -30.59 27.00 15.79
CA GLY A 78 -29.41 27.08 14.92
C GLY A 78 -29.36 26.12 13.74
N LEU A 79 -30.29 25.19 13.65
CA LEU A 79 -30.26 24.10 12.65
C LEU A 79 -31.45 24.09 11.65
N LYS A 80 -32.12 25.21 11.50
CA LYS A 80 -33.23 25.36 10.50
C LYS A 80 -32.70 25.76 9.15
N GLY A 81 -33.37 25.31 8.09
CA GLY A 81 -33.03 25.72 6.75
C GLY A 81 -31.66 25.23 6.27
N MET A 82 -31.21 24.09 6.80
CA MET A 82 -29.89 23.55 6.54
C MET A 82 -29.98 22.47 5.47
N CYS A 83 -28.96 22.42 4.60
CA CYS A 83 -28.88 21.41 3.55
CA CYS A 83 -28.90 21.38 3.57
C CYS A 83 -27.83 20.34 3.85
N VAL A 84 -28.01 19.19 3.25
CA VAL A 84 -27.07 18.14 3.38
C VAL A 84 -25.71 18.63 2.88
N GLY A 85 -24.66 18.32 3.64
CA GLY A 85 -23.30 18.76 3.35
C GLY A 85 -22.94 20.07 3.99
N GLU A 86 -23.92 20.79 4.54
CA GLU A 86 -23.68 22.05 5.22
C GLU A 86 -23.05 21.78 6.58
N LYS A 87 -22.14 22.67 6.99
CA LYS A 87 -21.51 22.63 8.31
C LYS A 87 -21.69 24.02 8.94
N ARG A 88 -22.23 24.05 10.16
CA ARG A 88 -22.46 25.28 10.88
C ARG A 88 -21.73 25.26 12.20
N LYS A 89 -21.32 26.46 12.62
CA LYS A 89 -20.79 26.70 13.95
C LYS A 89 -21.84 27.51 14.69
N LEU A 90 -22.27 26.98 15.83
CA LEU A 90 -23.23 27.64 16.69
C LEU A 90 -22.48 28.11 17.92
N ILE A 91 -22.62 29.40 18.26
CA ILE A 91 -22.18 29.90 19.56
C ILE A 91 -23.47 30.06 20.37
N ILE A 92 -23.60 29.26 21.42
CA ILE A 92 -24.84 29.11 22.17
C ILE A 92 -24.65 29.65 23.59
N PRO A 93 -25.40 30.68 23.93
CA PRO A 93 -25.31 31.21 25.31
C PRO A 93 -25.95 30.24 26.28
N PRO A 94 -25.58 30.33 27.57
CA PRO A 94 -26.07 29.29 28.48
C PRO A 94 -27.59 29.13 28.55
N ALA A 95 -28.35 30.20 28.42
CA ALA A 95 -29.81 30.08 28.46
C ALA A 95 -30.38 29.22 27.34
N LEU A 96 -29.63 29.03 26.28
CA LEU A 96 -30.05 28.15 25.17
C LEU A 96 -29.23 26.86 25.16
N GLY A 97 -28.42 26.67 26.18
CA GLY A 97 -27.63 25.45 26.36
C GLY A 97 -28.04 24.78 27.67
N TYR A 98 -27.07 24.64 28.56
CA TYR A 98 -27.25 23.88 29.81
C TYR A 98 -27.47 24.78 31.02
N GLY A 99 -27.61 26.08 30.77
CA GLY A 99 -28.12 27.01 31.78
C GLY A 99 -27.33 27.16 33.04
N LYS A 100 -28.05 27.50 34.12
CA LYS A 100 -27.49 27.62 35.44
C LYS A 100 -27.17 26.23 36.01
N GLU A 101 -27.89 25.18 35.59
CA GLU A 101 -27.66 23.85 36.14
CA GLU A 101 -27.66 23.85 36.14
C GLU A 101 -26.36 23.23 35.62
N GLY A 102 -26.02 23.51 34.37
CA GLY A 102 -24.92 22.82 33.71
C GLY A 102 -25.31 21.35 33.61
N LYS A 103 -24.31 20.55 33.33
N LYS A 103 -24.33 20.51 33.29
CA LYS A 103 -24.45 19.13 33.30
CA LYS A 103 -24.54 19.07 33.17
C LYS A 103 -23.01 18.64 33.41
C LYS A 103 -23.22 18.39 32.95
N GLY A 104 -22.90 17.38 33.75
CA GLY A 104 -21.74 16.53 33.49
C GLY A 104 -20.43 17.26 33.30
N LYS A 105 -19.98 17.39 32.05
CA LYS A 105 -18.73 18.09 31.69
C LYS A 105 -18.91 19.59 31.44
N ILE A 106 -20.10 20.11 31.74
CA ILE A 106 -20.42 21.53 31.53
C ILE A 106 -20.78 22.28 32.78
N PRO A 107 -19.95 23.28 33.16
CA PRO A 107 -20.24 24.07 34.33
C PRO A 107 -21.44 24.98 34.12
N PRO A 108 -22.05 25.45 35.22
CA PRO A 108 -23.07 26.47 35.14
C PRO A 108 -22.64 27.65 34.29
N GLU A 109 -23.59 28.23 33.58
CA GLU A 109 -23.42 29.46 32.82
C GLU A 109 -22.37 29.42 31.76
N SER A 110 -22.26 28.29 31.08
CA SER A 110 -21.24 28.11 30.05
C SER A 110 -21.77 28.50 28.68
N THR A 111 -21.01 29.32 27.98
CA THR A 111 -21.24 29.52 26.58
C THR A 111 -20.60 28.39 25.82
N LEU A 112 -21.33 27.86 24.82
CA LEU A 112 -20.93 26.66 24.10
C LEU A 112 -20.66 26.95 22.64
N ILE A 113 -19.78 26.16 22.02
CA ILE A 113 -19.58 26.19 20.56
C ILE A 113 -19.86 24.80 20.03
N PHE A 114 -20.71 24.70 19.03
CA PHE A 114 -20.97 23.40 18.35
C PHE A 114 -20.66 23.53 16.87
N ASN A 115 -19.91 22.59 16.31
CA ASN A 115 -19.73 22.46 14.89
C ASN A 115 -20.59 21.27 14.57
N ILE A 116 -21.53 21.47 13.64
CA ILE A 116 -22.49 20.46 13.34
C ILE A 116 -22.50 20.29 11.82
N ASP A 117 -22.38 19.01 11.38
CA ASP A 117 -22.36 18.66 9.95
C ASP A 117 -23.63 17.92 9.69
N LEU A 118 -24.38 18.33 8.68
CA LEU A 118 -25.59 17.59 8.29
C LEU A 118 -25.32 16.58 7.19
N LEU A 119 -25.61 15.32 7.47
CA LEU A 119 -25.29 14.21 6.57
C LEU A 119 -26.47 13.82 5.74
N GLU A 120 -27.64 13.77 6.37
CA GLU A 120 -28.84 13.23 5.75
C GLU A 120 -30.06 13.88 6.39
N ILE A 121 -31.11 14.02 5.60
CA ILE A 121 -32.41 14.45 6.10
C ILE A 121 -33.41 13.34 5.79
N ARG A 122 -34.27 13.02 6.75
CA ARG A 122 -35.42 12.15 6.50
C ARG A 122 -36.70 12.77 7.04
N ASN A 123 -37.83 12.38 6.46
CA ASN A 123 -39.14 12.73 6.99
C ASN A 123 -39.27 12.18 8.40
N GLY A 124 -39.87 12.97 9.29
CA GLY A 124 -40.09 12.55 10.67
C GLY A 124 -41.47 11.91 10.79
N PRO A 125 -41.82 11.29 11.95
CA PRO A 125 -43.19 10.82 12.12
C PRO A 125 -44.14 11.96 12.48
N MET B 5 11.42 47.85 7.09
CA MET B 5 10.25 47.70 8.04
C MET B 5 8.90 47.76 7.25
N GLY B 6 7.94 46.97 7.69
CA GLY B 6 6.63 46.79 7.04
C GLY B 6 6.54 46.79 5.52
N ALA B 7 6.00 47.87 4.94
CA ALA B 7 5.76 47.93 3.47
C ALA B 7 7.05 47.73 2.67
N LEU B 8 8.23 47.90 3.30
CA LEU B 8 9.53 47.85 2.61
C LEU B 8 10.24 46.47 2.75
N ILE B 9 9.57 45.48 3.32
CA ILE B 9 10.19 44.17 3.54
C ILE B 9 9.86 43.26 2.37
N PRO B 10 10.87 42.87 1.58
CA PRO B 10 10.56 41.96 0.47
C PRO B 10 10.40 40.50 0.95
N GLU B 11 9.78 39.67 0.12
CA GLU B 11 9.73 38.24 0.37
C GLU B 11 11.09 37.61 0.12
N PRO B 12 11.46 36.62 0.94
CA PRO B 12 12.65 35.78 0.65
C PRO B 12 12.64 35.17 -0.76
N GLU B 13 13.80 35.11 -1.40
CA GLU B 13 13.93 34.56 -2.75
C GLU B 13 15.25 33.80 -2.90
N VAL B 14 15.22 32.71 -3.67
CA VAL B 14 16.43 31.97 -3.99
C VAL B 14 17.19 32.66 -5.09
N LYS B 15 18.51 32.60 -5.06
CA LYS B 15 19.31 33.05 -6.20
C LYS B 15 19.60 31.82 -7.06
N ILE B 16 19.32 31.94 -8.35
CA ILE B 16 19.48 30.82 -9.27
C ILE B 16 20.61 31.16 -10.24
N GLU B 17 21.61 30.29 -10.34
CA GLU B 17 22.65 30.43 -11.34
CA GLU B 17 22.65 30.45 -11.33
C GLU B 17 22.64 29.20 -12.22
N VAL B 18 22.58 29.40 -13.53
CA VAL B 18 22.57 28.26 -14.44
C VAL B 18 24.02 27.94 -14.75
N LEU B 19 24.49 26.78 -14.30
CA LEU B 19 25.89 26.38 -14.47
C LEU B 19 26.12 25.74 -15.84
N GLN B 20 25.14 25.01 -16.31
CA GLN B 20 25.21 24.29 -17.58
C GLN B 20 23.81 24.26 -18.14
N LYS B 21 23.66 24.57 -19.42
CA LYS B 21 22.38 24.37 -20.08
C LYS B 21 22.63 23.88 -21.50
N PRO B 22 22.11 22.71 -21.82
CA PRO B 22 22.34 22.23 -23.21
C PRO B 22 21.61 23.06 -24.23
N PHE B 23 22.10 23.02 -25.45
CA PHE B 23 21.40 23.69 -26.50
C PHE B 23 20.03 23.03 -26.78
N ILE B 24 19.98 21.71 -26.71
CA ILE B 24 18.73 20.93 -26.89
C ILE B 24 17.85 21.12 -25.68
N CYS B 25 16.57 21.35 -25.95
CA CYS B 25 15.56 21.22 -24.94
C CYS B 25 14.24 20.74 -25.52
N HIS B 26 13.82 19.53 -25.15
CA HIS B 26 12.52 18.96 -25.56
C HIS B 26 11.39 19.25 -24.60
N ARG B 27 11.70 19.58 -23.34
CA ARG B 27 10.69 19.74 -22.32
C ARG B 27 11.27 20.48 -21.13
N LYS B 28 10.47 21.37 -20.54
CA LYS B 28 10.89 22.12 -19.34
C LYS B 28 10.01 21.75 -18.15
N THR B 29 10.58 21.70 -16.96
CA THR B 29 9.82 21.29 -15.79
C THR B 29 8.67 22.26 -15.48
N LYS B 30 7.55 21.68 -15.05
CA LYS B 30 6.36 22.45 -14.63
C LYS B 30 5.84 21.79 -13.35
N GLY B 31 4.96 22.46 -12.62
CA GLY B 31 4.46 21.92 -11.36
C GLY B 31 3.86 20.54 -11.54
N GLY B 32 4.15 19.65 -10.61
CA GLY B 32 3.63 18.27 -10.64
C GLY B 32 4.55 17.28 -11.36
N ASP B 33 5.47 17.77 -12.16
CA ASP B 33 6.47 16.90 -12.80
C ASP B 33 7.33 16.16 -11.77
N LEU B 34 7.71 14.94 -12.13
CA LEU B 34 8.72 14.17 -11.45
C LEU B 34 10.07 14.48 -12.10
N MET B 35 11.04 14.80 -11.26
CA MET B 35 12.39 15.17 -11.68
C MET B 35 13.38 14.21 -11.09
N LEU B 36 14.17 13.57 -11.95
CA LEU B 36 15.25 12.71 -11.48
C LEU B 36 16.50 13.58 -11.37
N VAL B 37 16.98 13.76 -10.14
CA VAL B 37 18.10 14.66 -9.91
C VAL B 37 19.25 14.06 -9.11
N HIS B 38 20.44 14.54 -9.41
CA HIS B 38 21.56 14.49 -8.47
C HIS B 38 21.68 15.85 -7.79
N TYR B 39 22.09 15.87 -6.54
CA TYR B 39 22.39 17.15 -5.89
C TYR B 39 23.50 17.03 -4.87
N GLU B 40 24.13 18.18 -4.61
CA GLU B 40 25.05 18.37 -3.51
C GLU B 40 24.58 19.61 -2.77
N GLY B 41 24.44 19.53 -1.45
CA GLY B 41 24.07 20.64 -0.65
C GLY B 41 25.18 20.98 0.31
N TYR B 42 25.47 22.28 0.38
CA TYR B 42 26.55 22.83 1.19
C TYR B 42 26.06 23.93 2.07
N LEU B 43 26.76 24.13 3.18
CA LEU B 43 26.50 25.29 4.03
C LEU B 43 27.28 26.47 3.48
N GLU B 44 26.62 27.59 3.28
CA GLU B 44 27.32 28.77 2.78
C GLU B 44 28.36 29.29 3.74
N LYS B 45 28.11 29.13 5.04
CA LYS B 45 28.98 29.74 6.05
C LYS B 45 30.41 29.20 6.01
N ASP B 46 30.56 27.89 5.89
CA ASP B 46 31.91 27.29 5.82
C ASP B 46 32.15 26.47 4.56
N GLY B 47 31.18 26.39 3.67
CA GLY B 47 31.35 25.65 2.41
C GLY B 47 31.26 24.14 2.54
N SER B 48 30.96 23.63 3.73
CA SER B 48 30.99 22.19 3.98
C SER B 48 29.77 21.46 3.39
N LEU B 49 29.99 20.24 2.91
CA LEU B 49 28.93 19.41 2.33
C LEU B 49 28.07 18.85 3.46
N PHE B 50 26.76 19.08 3.40
CA PHE B 50 25.88 18.44 4.39
C PHE B 50 25.11 17.23 3.84
N HIS B 51 24.82 17.20 2.54
CA HIS B 51 24.11 16.06 1.98
C HIS B 51 24.30 16.02 0.49
N SER B 52 24.49 14.82 -0.07
CA SER B 52 24.50 14.67 -1.54
C SER B 52 23.98 13.29 -1.91
N THR B 53 23.40 13.21 -3.10
CA THR B 53 23.01 11.92 -3.64
C THR B 53 24.30 11.02 -3.83
N HIS B 54 25.37 11.64 -4.30
CA HIS B 54 26.61 10.92 -4.57
C HIS B 54 27.16 10.24 -3.36
N LYS B 55 27.21 10.97 -2.25
CA LYS B 55 27.79 10.46 -1.02
C LYS B 55 26.79 9.73 -0.14
N HIS B 56 25.58 10.27 -0.01
CA HIS B 56 24.62 9.75 0.98
C HIS B 56 23.53 8.90 0.41
N ASN B 57 23.46 8.77 -0.92
CA ASN B 57 22.50 7.86 -1.55
C ASN B 57 23.16 6.82 -2.43
N ASN B 58 24.35 6.35 -2.02
CA ASN B 58 25.05 5.25 -2.71
C ASN B 58 25.31 5.60 -4.18
N GLY B 59 25.53 6.89 -4.45
CA GLY B 59 25.78 7.34 -5.82
C GLY B 59 24.58 7.49 -6.74
N GLN B 60 23.39 7.20 -6.23
CA GLN B 60 22.20 7.14 -7.04
C GLN B 60 21.38 8.43 -6.97
N PRO B 61 20.78 8.85 -8.08
CA PRO B 61 19.91 10.05 -8.09
C PRO B 61 18.58 9.74 -7.43
N ILE B 62 17.80 10.79 -7.17
CA ILE B 62 16.54 10.66 -6.48
C ILE B 62 15.44 11.32 -7.28
N TRP B 63 14.21 10.85 -7.08
CA TRP B 63 13.03 11.51 -7.70
C TRP B 63 12.47 12.57 -6.80
N PHE B 64 12.16 13.73 -7.37
CA PHE B 64 11.58 14.90 -6.69
C PHE B 64 10.37 15.41 -7.47
N THR B 65 9.26 15.63 -6.80
CA THR B 65 8.05 16.19 -7.44
C THR B 65 8.08 17.71 -7.25
N LEU B 66 8.09 18.44 -8.35
CA LEU B 66 8.18 19.89 -8.33
C LEU B 66 6.82 20.50 -7.92
N GLY B 67 6.86 21.50 -7.06
CA GLY B 67 5.74 22.39 -6.84
C GLY B 67 4.70 21.95 -5.85
N ILE B 68 5.01 20.99 -4.98
CA ILE B 68 4.08 20.52 -3.97
C ILE B 68 4.69 20.64 -2.58
N LEU B 69 5.76 21.43 -2.45
CA LEU B 69 6.49 21.59 -1.18
C LEU B 69 6.90 20.24 -0.59
N GLU B 70 7.40 19.35 -1.45
CA GLU B 70 7.85 18.03 -1.06
C GLU B 70 9.16 18.12 -0.28
N ALA B 71 9.95 19.13 -0.59
CA ALA B 71 11.30 19.29 -0.02
C ALA B 71 11.43 20.72 0.58
N LEU B 72 12.51 21.42 0.28
CA LEU B 72 12.69 22.82 0.70
C LEU B 72 11.90 23.77 -0.17
N LYS B 73 11.41 24.85 0.41
CA LYS B 73 10.70 25.83 -0.37
C LYS B 73 11.58 26.33 -1.52
N GLY B 74 12.85 26.49 -1.24
CA GLY B 74 13.82 26.99 -2.22
C GLY B 74 13.96 26.11 -3.43
N TRP B 75 13.79 24.80 -3.26
CA TRP B 75 13.72 23.87 -4.42
C TRP B 75 12.57 24.14 -5.32
N ASP B 76 11.39 24.35 -4.75
CA ASP B 76 10.21 24.67 -5.56
C ASP B 76 10.43 25.97 -6.32
N GLN B 77 11.09 26.94 -5.68
CA GLN B 77 11.32 28.25 -6.34
C GLN B 77 12.43 28.17 -7.40
N GLY B 78 13.38 27.24 -7.21
CA GLY B 78 14.61 27.22 -8.02
C GLY B 78 14.69 26.21 -9.17
N LEU B 79 13.72 25.33 -9.31
CA LEU B 79 13.79 24.19 -10.23
C LEU B 79 12.70 24.18 -11.29
N LYS B 80 12.06 25.33 -11.51
CA LYS B 80 11.08 25.47 -12.57
C LYS B 80 11.71 25.77 -13.91
N GLY B 81 11.09 25.29 -14.98
CA GLY B 81 11.53 25.63 -16.32
C GLY B 81 12.90 25.05 -16.70
N MET B 82 13.25 23.91 -16.09
CA MET B 82 14.53 23.31 -16.21
C MET B 82 14.43 22.17 -17.23
N CYS B 83 15.49 22.02 -18.02
CA CYS B 83 15.58 20.95 -19.02
CA CYS B 83 15.54 20.90 -18.97
C CYS B 83 16.59 19.87 -18.60
N VAL B 84 16.41 18.67 -19.17
CA VAL B 84 17.32 17.60 -18.94
C VAL B 84 18.72 18.02 -19.40
N GLY B 85 19.71 17.71 -18.55
CA GLY B 85 21.10 18.10 -18.79
C GLY B 85 21.47 19.41 -18.13
N GLU B 86 20.48 20.17 -17.66
CA GLU B 86 20.73 21.45 -17.06
C GLU B 86 21.25 21.23 -15.65
N LYS B 87 22.14 22.13 -15.21
CA LYS B 87 22.67 22.12 -13.87
C LYS B 87 22.48 23.54 -13.31
N ARG B 88 21.89 23.63 -12.12
CA ARG B 88 21.72 24.91 -11.45
C ARG B 88 22.40 24.92 -10.08
N LYS B 89 22.88 26.10 -9.72
CA LYS B 89 23.29 26.41 -8.36
C LYS B 89 22.20 27.25 -7.74
N LEU B 90 21.69 26.81 -6.58
CA LEU B 90 20.68 27.57 -5.84
C LEU B 90 21.31 28.07 -4.54
N ILE B 91 21.19 29.37 -4.29
CA ILE B 91 21.61 29.91 -3.01
C ILE B 91 20.30 30.23 -2.27
N ILE B 92 20.09 29.50 -1.20
CA ILE B 92 18.79 29.45 -0.54
C ILE B 92 18.91 30.06 0.85
N PRO B 93 18.18 31.17 1.09
CA PRO B 93 18.23 31.76 2.39
C PRO B 93 17.52 30.86 3.39
N PRO B 94 17.82 31.00 4.70
CA PRO B 94 17.20 30.09 5.66
C PRO B 94 15.67 30.03 5.67
N ALA B 95 14.98 31.15 5.39
CA ALA B 95 13.51 31.14 5.35
C ALA B 95 12.97 30.22 4.25
N LEU B 96 13.78 29.90 3.23
CA LEU B 96 13.39 28.95 2.19
C LEU B 96 14.15 27.63 2.32
N GLY B 97 14.87 27.47 3.43
CA GLY B 97 15.60 26.22 3.73
C GLY B 97 15.11 25.62 5.04
N TYR B 98 16.03 25.48 6.00
CA TYR B 98 15.73 24.85 7.29
C TYR B 98 15.48 25.88 8.43
N GLY B 99 15.44 27.16 8.08
CA GLY B 99 14.96 28.19 8.98
C GLY B 99 15.72 28.41 10.27
N LYS B 100 15.02 28.94 11.26
CA LYS B 100 15.58 29.18 12.60
C LYS B 100 15.79 27.87 13.34
N GLU B 101 15.00 26.86 13.00
CA GLU B 101 15.13 25.60 13.71
C GLU B 101 16.35 24.81 13.29
N GLY B 102 16.73 24.90 12.01
CA GLY B 102 17.72 24.01 11.46
C GLY B 102 17.15 22.62 11.49
N LYS B 103 18.00 21.63 11.31
CA LYS B 103 17.54 20.26 11.34
C LYS B 103 18.75 19.38 11.54
N GLY B 104 18.74 18.56 12.57
CA GLY B 104 19.90 17.74 12.93
C GLY B 104 21.19 18.54 12.88
N LYS B 105 22.12 18.15 12.01
CA LYS B 105 23.42 18.80 11.97
C LYS B 105 23.40 20.16 11.25
N ILE B 106 22.27 20.51 10.63
CA ILE B 106 22.21 21.77 9.88
C ILE B 106 21.84 22.85 10.89
N PRO B 107 22.74 23.82 11.13
CA PRO B 107 22.45 24.83 12.16
C PRO B 107 21.31 25.81 11.83
N PRO B 108 20.75 26.45 12.86
CA PRO B 108 19.85 27.58 12.64
C PRO B 108 20.43 28.64 11.69
N GLU B 109 19.54 29.25 10.92
CA GLU B 109 19.84 30.40 10.06
C GLU B 109 20.92 30.13 9.05
N SER B 110 20.92 28.92 8.48
CA SER B 110 21.94 28.54 7.53
C SER B 110 21.47 28.93 6.14
N THR B 111 22.27 29.74 5.46
CA THR B 111 22.13 29.87 4.01
C THR B 111 22.74 28.63 3.39
N LEU B 112 22.06 28.10 2.37
CA LEU B 112 22.45 26.83 1.77
C LEU B 112 22.85 27.07 0.31
N ILE B 113 23.76 26.25 -0.18
CA ILE B 113 24.10 26.22 -1.61
C ILE B 113 23.82 24.83 -2.13
N PHE B 114 22.97 24.71 -3.15
CA PHE B 114 22.75 23.41 -3.79
C PHE B 114 23.23 23.46 -5.23
N ASN B 115 23.96 22.43 -5.68
CA ASN B 115 24.20 22.22 -7.08
C ASN B 115 23.31 21.02 -7.45
N ILE B 116 22.42 21.23 -8.42
CA ILE B 116 21.40 20.25 -8.77
C ILE B 116 21.45 20.00 -10.28
N ASP B 117 21.56 18.71 -10.68
CA ASP B 117 21.61 18.27 -12.06
C ASP B 117 20.34 17.53 -12.40
N LEU B 118 19.66 17.93 -13.48
CA LEU B 118 18.44 17.25 -13.89
C LEU B 118 18.76 16.18 -14.95
N LEU B 119 18.40 14.95 -14.63
CA LEU B 119 18.63 13.79 -15.48
C LEU B 119 17.45 13.41 -16.35
N GLU B 120 16.25 13.52 -15.82
CA GLU B 120 15.03 13.03 -16.49
CA GLU B 120 15.08 13.06 -16.54
C GLU B 120 13.83 13.75 -15.93
N ILE B 121 12.82 13.95 -16.78
CA ILE B 121 11.55 14.50 -16.41
C ILE B 121 10.45 13.47 -16.80
N ARG B 122 9.55 13.19 -15.88
CA ARG B 122 8.38 12.37 -16.14
C ARG B 122 7.12 13.09 -15.67
N ASN B 123 6.00 12.70 -16.27
CA ASN B 123 4.70 13.10 -15.75
C ASN B 123 4.56 12.64 -14.31
N GLY B 124 3.96 13.49 -13.49
CA GLY B 124 3.63 13.13 -12.13
C GLY B 124 2.24 12.60 -11.99
N PRO B 125 1.96 12.12 -10.79
CA PRO B 125 0.79 12.62 -10.14
C PRO B 125 1.24 13.94 -9.45
N GLY C 6 9.18 -47.25 -17.22
CA GLY C 6 9.06 -46.58 -15.90
C GLY C 6 10.04 -45.44 -15.62
N ALA C 7 11.26 -45.58 -16.11
CA ALA C 7 12.31 -44.58 -15.82
C ALA C 7 11.98 -43.18 -16.32
N LEU C 8 11.15 -43.09 -17.35
CA LEU C 8 10.77 -41.81 -17.96
C LEU C 8 9.44 -41.27 -17.48
N ILE C 9 8.82 -41.93 -16.51
CA ILE C 9 7.54 -41.44 -15.95
C ILE C 9 7.80 -40.57 -14.73
N PRO C 10 7.49 -39.27 -14.80
CA PRO C 10 7.77 -38.39 -13.67
C PRO C 10 6.77 -38.55 -12.50
N GLU C 11 7.21 -38.14 -11.32
CA GLU C 11 6.31 -38.05 -10.18
C GLU C 11 5.36 -36.84 -10.31
N PRO C 12 4.12 -37.00 -9.83
CA PRO C 12 3.21 -35.84 -9.71
C PRO C 12 3.83 -34.71 -8.93
N GLU C 13 3.56 -33.48 -9.35
CA GLU C 13 4.15 -32.35 -8.72
C GLU C 13 3.20 -31.14 -8.73
N VAL C 14 3.23 -30.34 -7.66
CA VAL C 14 2.46 -29.11 -7.58
C VAL C 14 3.11 -27.97 -8.36
N LYS C 15 2.31 -27.09 -8.96
CA LYS C 15 2.82 -25.85 -9.53
C LYS C 15 2.64 -24.74 -8.50
N ILE C 16 3.72 -24.04 -8.19
CA ILE C 16 3.70 -23.02 -7.17
C ILE C 16 3.90 -21.68 -7.81
N GLU C 17 2.99 -20.75 -7.57
CA GLU C 17 3.18 -19.38 -8.03
C GLU C 17 3.14 -18.45 -6.79
N VAL C 18 4.15 -17.62 -6.65
CA VAL C 18 4.20 -16.67 -5.55
C VAL C 18 3.46 -15.41 -6.02
N LEU C 19 2.30 -15.15 -5.41
CA LEU C 19 1.46 -14.02 -5.81
C LEU C 19 1.98 -12.76 -5.18
N GLN C 20 2.48 -12.86 -3.97
CA GLN C 20 3.19 -11.72 -3.43
C GLN C 20 3.92 -12.08 -2.18
N LYS C 21 4.86 -11.20 -1.90
CA LYS C 21 5.84 -11.46 -0.91
C LYS C 21 6.26 -10.11 -0.38
N PRO C 22 6.20 -9.93 0.93
CA PRO C 22 6.68 -8.70 1.50
C PRO C 22 8.18 -8.49 1.29
N PHE C 23 8.56 -7.23 1.26
CA PHE C 23 9.96 -6.86 1.07
CA PHE C 23 9.97 -6.87 1.05
C PHE C 23 10.84 -7.38 2.22
N ILE C 24 10.30 -7.36 3.44
CA ILE C 24 10.93 -7.97 4.59
C ILE C 24 10.41 -9.43 4.69
N CYS C 25 11.31 -10.39 4.58
CA CYS C 25 10.92 -11.79 4.46
C CYS C 25 12.06 -12.61 5.05
N HIS C 26 11.93 -12.91 6.34
CA HIS C 26 13.05 -13.39 7.15
C HIS C 26 12.77 -14.82 7.48
N ARG C 27 12.01 -15.08 8.54
CA ARG C 27 11.76 -16.48 8.93
C ARG C 27 10.96 -17.15 7.85
N LYS C 28 11.39 -18.35 7.45
CA LYS C 28 10.69 -19.12 6.42
C LYS C 28 10.23 -20.49 6.94
N THR C 29 9.10 -20.98 6.45
CA THR C 29 8.52 -22.19 6.99
C THR C 29 9.43 -23.40 6.71
N LYS C 30 9.46 -24.31 7.67
CA LYS C 30 10.21 -25.57 7.57
C LYS C 30 9.36 -26.66 8.19
N GLY C 31 9.74 -27.92 7.99
CA GLY C 31 8.97 -29.02 8.47
C GLY C 31 8.72 -28.98 9.96
N GLY C 32 7.48 -29.23 10.36
CA GLY C 32 7.10 -29.16 11.79
C GLY C 32 6.64 -27.80 12.29
N ASP C 33 6.85 -26.73 11.51
CA ASP C 33 6.27 -25.42 11.85
C ASP C 33 4.74 -25.44 11.81
N LEU C 34 4.15 -24.64 12.69
CA LEU C 34 2.73 -24.36 12.69
C LEU C 34 2.55 -23.13 11.86
N MET C 35 1.64 -23.22 10.89
CA MET C 35 1.35 -22.14 9.98
C MET C 35 -0.11 -21.69 10.18
N LEU C 36 -0.31 -20.38 10.38
CA LEU C 36 -1.67 -19.85 10.40
C LEU C 36 -2.04 -19.30 9.02
N VAL C 37 -3.04 -19.86 8.39
CA VAL C 37 -3.34 -19.54 6.99
C VAL C 37 -4.82 -19.23 6.74
N HIS C 38 -5.04 -18.32 5.79
CA HIS C 38 -6.31 -18.23 5.07
C HIS C 38 -6.12 -18.97 3.77
N TYR C 39 -7.18 -19.63 3.31
CA TYR C 39 -7.13 -20.24 1.96
C TYR C 39 -8.48 -20.30 1.27
N GLU C 40 -8.44 -20.44 -0.06
CA GLU C 40 -9.56 -20.82 -0.88
C GLU C 40 -9.12 -21.94 -1.75
N GLY C 41 -9.94 -22.99 -1.82
CA GLY C 41 -9.70 -24.10 -2.69
C GLY C 41 -10.83 -24.32 -3.70
N TYR C 42 -10.45 -24.39 -4.97
CA TYR C 42 -11.46 -24.54 -6.02
C TYR C 42 -11.00 -25.58 -7.04
N LEU C 43 -11.96 -26.10 -7.77
CA LEU C 43 -11.68 -27.11 -8.76
C LEU C 43 -11.21 -26.44 -10.03
N GLU C 44 -10.10 -26.91 -10.59
CA GLU C 44 -9.52 -26.32 -11.76
C GLU C 44 -10.47 -26.44 -12.93
N LYS C 45 -11.24 -27.53 -12.97
CA LYS C 45 -12.04 -27.81 -14.16
C LYS C 45 -13.18 -26.80 -14.36
N ASP C 46 -13.95 -26.51 -13.31
CA ASP C 46 -15.10 -25.63 -13.43
C ASP C 46 -15.06 -24.42 -12.54
N GLY C 47 -13.98 -24.29 -11.77
CA GLY C 47 -13.81 -23.10 -10.95
C GLY C 47 -14.66 -23.09 -9.67
N SER C 48 -15.34 -24.19 -9.37
CA SER C 48 -16.25 -24.21 -8.24
C SER C 48 -15.48 -24.27 -6.93
N LEU C 49 -15.98 -23.55 -5.95
CA LEU C 49 -15.31 -23.47 -4.65
C LEU C 49 -15.67 -24.68 -3.85
N PHE C 50 -14.68 -25.39 -3.33
CA PHE C 50 -14.97 -26.51 -2.49
C PHE C 50 -14.72 -26.27 -1.03
N HIS C 51 -13.77 -25.39 -0.67
CA HIS C 51 -13.59 -25.03 0.72
C HIS C 51 -12.81 -23.72 0.84
N SER C 52 -13.23 -22.83 1.73
CA SER C 52 -12.44 -21.68 2.07
C SER C 52 -12.59 -21.28 3.51
N THR C 53 -11.53 -20.68 4.07
CA THR C 53 -11.61 -20.19 5.43
C THR C 53 -12.66 -19.06 5.50
N HIS C 54 -12.65 -18.20 4.47
CA HIS C 54 -13.56 -17.05 4.41
C HIS C 54 -15.01 -17.45 4.44
N LYS C 55 -15.39 -18.45 3.62
CA LYS C 55 -16.79 -18.91 3.50
C LYS C 55 -17.16 -20.03 4.47
N HIS C 56 -16.29 -20.99 4.68
CA HIS C 56 -16.63 -22.19 5.50
C HIS C 56 -16.06 -22.22 6.89
N ASN C 57 -15.22 -21.25 7.23
CA ASN C 57 -14.73 -21.16 8.61
C ASN C 57 -15.05 -19.81 9.27
N ASN C 58 -16.22 -19.24 8.96
CA ASN C 58 -16.68 -17.98 9.59
C ASN C 58 -15.67 -16.86 9.45
N GLY C 59 -14.98 -16.84 8.33
CA GLY C 59 -14.00 -15.80 8.07
C GLY C 59 -12.69 -15.93 8.84
N GLN C 60 -12.49 -17.04 9.57
CA GLN C 60 -11.33 -17.21 10.41
C GLN C 60 -10.26 -18.10 9.74
N PRO C 61 -8.98 -17.77 9.95
CA PRO C 61 -7.93 -18.62 9.47
C PRO C 61 -7.82 -19.94 10.27
N ILE C 62 -7.01 -20.86 9.78
CA ILE C 62 -6.75 -22.16 10.43
C ILE C 62 -5.27 -22.44 10.59
N TRP C 63 -4.93 -23.28 11.59
CA TRP C 63 -3.54 -23.72 11.82
C TRP C 63 -3.26 -25.00 11.11
N PHE C 64 -2.11 -25.05 10.44
CA PHE C 64 -1.65 -26.20 9.67
C PHE C 64 -0.22 -26.49 10.07
N THR C 65 0.07 -27.76 10.35
CA THR C 65 1.42 -28.17 10.59
C THR C 65 2.04 -28.64 9.28
N LEU C 66 3.14 -28.02 8.91
CA LEU C 66 3.85 -28.36 7.65
C LEU C 66 4.65 -29.65 7.78
N GLY C 67 4.62 -30.47 6.73
CA GLY C 67 5.56 -31.56 6.60
C GLY C 67 5.28 -32.84 7.36
N ILE C 68 4.04 -33.06 7.79
CA ILE C 68 3.70 -34.31 8.49
C ILE C 68 2.50 -34.99 7.81
N LEU C 69 2.20 -34.61 6.57
CA LEU C 69 1.03 -35.11 5.84
C LEU C 69 -0.25 -34.97 6.66
N GLU C 70 -0.42 -33.83 7.27
CA GLU C 70 -1.61 -33.48 8.06
C GLU C 70 -2.81 -33.21 7.18
N ALA C 71 -2.56 -32.70 5.98
CA ALA C 71 -3.65 -32.36 5.04
C ALA C 71 -3.40 -33.02 3.67
N LEU C 72 -3.41 -32.28 2.59
CA LEU C 72 -3.06 -32.82 1.26
C LEU C 72 -1.56 -32.91 1.03
N LYS C 73 -1.13 -33.91 0.29
CA LYS C 73 0.30 -34.04 -0.07
C LYS C 73 0.81 -32.76 -0.76
N GLY C 74 -0.05 -32.14 -1.58
CA GLY C 74 0.27 -30.94 -2.31
C GLY C 74 0.53 -29.71 -1.44
N TRP C 75 -0.12 -29.65 -0.29
CA TRP C 75 0.19 -28.65 0.73
C TRP C 75 1.59 -28.80 1.26
N ASP C 76 1.98 -30.02 1.61
CA ASP C 76 3.33 -30.24 2.07
C ASP C 76 4.37 -29.85 1.01
N GLN C 77 4.08 -30.11 -0.27
CA GLN C 77 4.99 -29.78 -1.35
C GLN C 77 5.03 -28.29 -1.64
N GLY C 78 3.92 -27.61 -1.39
CA GLY C 78 3.73 -26.24 -1.86
C GLY C 78 3.97 -25.09 -0.87
N LEU C 79 4.16 -25.42 0.41
CA LEU C 79 4.11 -24.43 1.47
C LEU C 79 5.43 -24.34 2.26
N LYS C 80 6.50 -24.87 1.70
CA LYS C 80 7.84 -24.77 2.30
C LYS C 80 8.47 -23.42 1.97
N GLY C 81 9.29 -22.91 2.87
CA GLY C 81 10.09 -21.74 2.59
C GLY C 81 9.28 -20.45 2.42
N MET C 82 8.14 -20.38 3.10
CA MET C 82 7.18 -19.31 2.99
C MET C 82 7.32 -18.34 4.18
N CYS C 83 7.20 -17.03 3.90
CA CYS C 83 7.30 -16.04 4.96
C CYS C 83 5.95 -15.43 5.27
N VAL C 84 5.83 -14.85 6.47
CA VAL C 84 4.58 -14.25 6.91
C VAL C 84 4.28 -13.09 5.96
N GLY C 85 3.03 -13.03 5.50
CA GLY C 85 2.60 -12.04 4.51
C GLY C 85 2.70 -12.50 3.09
N GLU C 86 3.33 -13.65 2.87
CA GLU C 86 3.41 -14.22 1.54
C GLU C 86 2.09 -14.85 1.16
N LYS C 87 1.77 -14.78 -0.13
CA LYS C 87 0.62 -15.49 -0.71
C LYS C 87 1.04 -16.33 -1.88
N ARG C 88 0.57 -17.58 -1.92
CA ARG C 88 0.88 -18.48 -2.98
C ARG C 88 -0.39 -19.01 -3.64
N LYS C 89 -0.25 -19.29 -4.92
CA LYS C 89 -1.24 -20.13 -5.66
C LYS C 89 -0.64 -21.48 -5.90
N LEU C 90 -1.35 -22.55 -5.52
CA LEU C 90 -0.89 -23.91 -5.76
C LEU C 90 -1.83 -24.58 -6.77
N ILE C 91 -1.28 -25.18 -7.81
CA ILE C 91 -2.08 -26.01 -8.70
C ILE C 91 -1.67 -27.44 -8.37
N ILE C 92 -2.63 -28.21 -7.88
CA ILE C 92 -2.38 -29.53 -7.26
C ILE C 92 -3.06 -30.61 -8.11
N PRO C 93 -2.28 -31.53 -8.66
CA PRO C 93 -2.85 -32.66 -9.42
C PRO C 93 -3.50 -33.62 -8.48
N PRO C 94 -4.43 -34.45 -8.98
CA PRO C 94 -5.18 -35.29 -8.07
C PRO C 94 -4.39 -36.22 -7.21
N ALA C 95 -3.30 -36.77 -7.71
CA ALA C 95 -2.49 -37.65 -6.90
C ALA C 95 -1.95 -36.97 -5.65
N LEU C 96 -1.88 -35.65 -5.66
CA LEU C 96 -1.39 -34.90 -4.50
C LEU C 96 -2.53 -34.21 -3.78
N GLY C 97 -3.76 -34.52 -4.23
CA GLY C 97 -4.97 -33.92 -3.66
C GLY C 97 -5.86 -35.01 -3.13
N TYR C 98 -7.06 -35.10 -3.68
CA TYR C 98 -8.09 -36.05 -3.18
C TYR C 98 -8.22 -37.28 -4.04
N GLY C 99 -7.32 -37.42 -5.03
CA GLY C 99 -7.11 -38.66 -5.72
C GLY C 99 -8.31 -39.19 -6.49
N LYS C 100 -8.35 -40.49 -6.63
CA LYS C 100 -9.47 -41.17 -7.29
C LYS C 100 -10.71 -41.14 -6.44
N GLU C 101 -10.57 -41.07 -5.11
CA GLU C 101 -11.75 -41.08 -4.24
C GLU C 101 -12.55 -39.78 -4.25
N GLY C 102 -11.84 -38.65 -4.42
CA GLY C 102 -12.45 -37.37 -4.27
C GLY C 102 -13.02 -37.22 -2.85
N LYS C 103 -13.89 -36.24 -2.70
CA LYS C 103 -14.68 -35.98 -1.50
CA LYS C 103 -14.70 -35.97 -1.50
C LYS C 103 -15.98 -35.22 -1.91
N GLY C 104 -16.84 -34.91 -0.97
CA GLY C 104 -18.13 -34.22 -1.24
C GLY C 104 -18.33 -33.30 -2.49
N LYS C 105 -17.56 -32.24 -2.42
CA LYS C 105 -17.48 -31.21 -3.49
C LYS C 105 -16.31 -31.38 -4.47
N ILE C 106 -15.58 -32.49 -4.37
CA ILE C 106 -14.46 -32.76 -5.25
C ILE C 106 -14.58 -34.09 -5.95
N PRO C 107 -14.81 -34.04 -7.27
CA PRO C 107 -14.99 -35.29 -8.00
C PRO C 107 -13.66 -36.06 -8.06
N PRO C 108 -13.73 -37.37 -8.27
CA PRO C 108 -12.50 -38.13 -8.62
C PRO C 108 -11.61 -37.45 -9.68
N GLU C 109 -10.32 -37.59 -9.52
CA GLU C 109 -9.31 -37.12 -10.46
C GLU C 109 -9.38 -35.63 -10.74
N SER C 110 -9.64 -34.86 -9.69
CA SER C 110 -9.72 -33.41 -9.86
C SER C 110 -8.36 -32.74 -9.64
N THR C 111 -7.97 -31.86 -10.56
CA THR C 111 -6.93 -30.88 -10.31
C THR C 111 -7.50 -29.72 -9.46
N LEU C 112 -6.75 -29.29 -8.45
CA LEU C 112 -7.17 -28.30 -7.51
C LEU C 112 -6.36 -27.04 -7.65
N ILE C 113 -6.99 -25.91 -7.32
CA ILE C 113 -6.26 -24.65 -7.18
C ILE C 113 -6.46 -24.14 -5.78
N PHE C 114 -5.39 -23.82 -5.07
CA PHE C 114 -5.51 -23.20 -3.77
C PHE C 114 -4.82 -21.83 -3.84
N ASN C 115 -5.44 -20.83 -3.23
CA ASN C 115 -4.77 -19.57 -2.90
C ASN C 115 -4.64 -19.56 -1.37
N ILE C 116 -3.40 -19.47 -0.89
CA ILE C 116 -3.06 -19.64 0.50
C ILE C 116 -2.19 -18.45 0.97
N ASP C 117 -2.65 -17.80 2.02
CA ASP C 117 -2.03 -16.59 2.59
C ASP C 117 -1.49 -16.95 3.97
N LEU C 118 -0.20 -16.72 4.20
CA LEU C 118 0.43 -17.07 5.46
C LEU C 118 0.40 -15.89 6.43
N LEU C 119 -0.22 -16.08 7.58
CA LEU C 119 -0.44 -15.03 8.59
C LEU C 119 0.53 -15.06 9.76
N GLU C 120 0.99 -16.25 10.14
CA GLU C 120 1.85 -16.42 11.33
C GLU C 120 2.57 -17.76 11.24
N ILE C 121 3.79 -17.79 11.78
CA ILE C 121 4.55 -19.02 11.93
C ILE C 121 4.84 -19.19 13.41
N ARG C 122 4.61 -20.40 13.92
CA ARG C 122 5.05 -20.74 15.27
C ARG C 122 5.83 -22.04 15.25
N ASN C 123 6.69 -22.19 16.25
CA ASN C 123 7.35 -23.46 16.49
C ASN C 123 6.30 -24.54 16.73
N GLY C 124 6.55 -25.74 16.20
CA GLY C 124 5.70 -26.87 16.42
C GLY C 124 6.08 -27.56 17.71
N PRO C 125 5.17 -28.37 18.28
CA PRO C 125 5.45 -28.79 19.67
C PRO C 125 6.78 -29.51 19.85
N GLY D 6 25.10 3.41 28.70
CA GLY D 6 24.63 2.29 27.85
C GLY D 6 24.47 2.64 26.38
N ALA D 7 24.06 3.87 26.10
CA ALA D 7 23.86 4.32 24.72
C ALA D 7 25.11 4.22 23.84
N LEU D 8 26.27 4.38 24.45
CA LEU D 8 27.53 4.39 23.73
C LEU D 8 28.27 3.03 23.74
N ILE D 9 27.63 1.99 24.25
CA ILE D 9 28.25 0.66 24.31
C ILE D 9 27.75 -0.16 23.13
N PRO D 10 28.64 -0.58 22.25
CA PRO D 10 28.17 -1.33 21.09
C PRO D 10 27.93 -2.80 21.47
N GLU D 11 27.21 -3.53 20.64
CA GLU D 11 27.09 -4.95 20.81
C GLU D 11 28.45 -5.65 20.53
N PRO D 12 28.77 -6.68 21.30
CA PRO D 12 29.99 -7.47 21.04
C PRO D 12 29.97 -8.02 19.64
N GLU D 13 31.14 -8.15 18.98
CA GLU D 13 31.17 -8.75 17.67
C GLU D 13 32.44 -9.62 17.52
N VAL D 14 32.29 -10.77 16.86
CA VAL D 14 33.42 -11.66 16.60
C VAL D 14 34.21 -11.15 15.37
N LYS D 15 35.54 -11.33 15.35
CA LYS D 15 36.34 -11.11 14.13
CA LYS D 15 36.32 -11.13 14.12
C LYS D 15 36.47 -12.45 13.40
N ILE D 16 36.10 -12.47 12.11
CA ILE D 16 36.16 -13.69 11.33
C ILE D 16 37.26 -13.58 10.26
N GLU D 17 38.17 -14.54 10.23
CA GLU D 17 39.14 -14.62 9.15
C GLU D 17 39.03 -15.98 8.44
N VAL D 18 38.92 -15.97 7.10
CA VAL D 18 38.85 -17.22 6.34
C VAL D 18 40.28 -17.67 6.06
N LEU D 19 40.71 -18.77 6.64
CA LEU D 19 42.08 -19.26 6.49
C LEU D 19 42.23 -20.12 5.23
N GLN D 20 41.19 -20.87 4.91
CA GLN D 20 41.18 -21.74 3.75
C GLN D 20 39.74 -21.71 3.21
N LYS D 21 39.60 -21.59 1.90
CA LYS D 21 38.29 -21.60 1.25
C LYS D 21 38.39 -22.48 0.01
N PRO D 22 37.52 -23.49 -0.11
CA PRO D 22 37.66 -24.39 -1.26
C PRO D 22 37.15 -23.71 -2.51
N PHE D 23 37.66 -24.09 -3.68
CA PHE D 23 37.25 -23.52 -4.95
C PHE D 23 35.89 -24.00 -5.44
N ILE D 24 35.47 -25.17 -4.99
CA ILE D 24 34.12 -25.71 -5.21
C ILE D 24 33.30 -25.65 -3.90
N CYS D 25 32.09 -25.14 -3.98
CA CYS D 25 31.20 -25.02 -2.83
C CYS D 25 29.77 -25.29 -3.28
N HIS D 26 29.19 -26.40 -2.83
CA HIS D 26 27.80 -26.77 -3.17
C HIS D 26 26.75 -26.38 -2.17
N ARG D 27 27.16 -26.03 -0.94
CA ARG D 27 26.23 -25.70 0.10
C ARG D 27 26.91 -24.88 1.16
N LYS D 28 26.22 -23.87 1.66
CA LYS D 28 26.76 -23.04 2.75
C LYS D 28 25.87 -23.17 3.98
N THR D 29 26.45 -23.07 5.16
CA THR D 29 25.68 -23.22 6.38
C THR D 29 24.64 -22.12 6.57
N LYS D 30 23.51 -22.52 7.12
CA LYS D 30 22.39 -21.64 7.44
C LYS D 30 21.90 -22.06 8.81
N GLY D 31 21.12 -21.19 9.44
CA GLY D 31 20.60 -21.49 10.77
C GLY D 31 19.88 -22.82 10.80
N GLY D 32 20.13 -23.61 11.84
CA GLY D 32 19.52 -24.93 11.98
C GLY D 32 20.30 -26.09 11.39
N ASP D 33 21.26 -25.79 10.50
CA ASP D 33 22.13 -26.84 9.98
C ASP D 33 23.00 -27.48 11.09
N LEU D 34 23.27 -28.76 10.90
CA LEU D 34 24.23 -29.51 11.69
C LEU D 34 25.56 -29.42 11.00
N MET D 35 26.58 -29.02 11.77
CA MET D 35 27.94 -28.84 11.27
C MET D 35 28.89 -29.83 12.00
N LEU D 36 29.57 -30.64 11.23
CA LEU D 36 30.60 -31.53 11.81
C LEU D 36 31.94 -30.81 11.73
N VAL D 37 32.52 -30.47 12.90
CA VAL D 37 33.72 -29.69 12.94
C VAL D 37 34.87 -30.27 13.77
N HIS D 38 36.10 -30.00 13.33
CA HIS D 38 37.29 -30.03 14.21
C HIS D 38 37.59 -28.60 14.64
N TYR D 39 38.08 -28.42 15.87
CA TYR D 39 38.50 -27.07 16.27
C TYR D 39 39.65 -27.10 17.24
N GLU D 40 40.34 -25.96 17.34
CA GLU D 40 41.25 -25.71 18.43
C GLU D 40 40.86 -24.36 19.01
N GLY D 41 40.76 -24.28 20.34
CA GLY D 41 40.45 -23.06 21.03
C GLY D 41 41.60 -22.65 21.92
N TYR D 42 41.97 -21.38 21.81
CA TYR D 42 43.10 -20.81 22.52
C TYR D 42 42.69 -19.62 23.30
N LEU D 43 43.44 -19.34 24.36
CA LEU D 43 43.31 -18.10 25.07
C LEU D 43 44.14 -17.04 24.37
N GLU D 44 43.52 -15.90 24.09
CA GLU D 44 44.24 -14.84 23.42
C GLU D 44 45.38 -14.28 24.25
N LYS D 45 45.19 -14.26 25.55
CA LYS D 45 46.20 -13.63 26.42
C LYS D 45 47.60 -14.27 26.27
N ASP D 46 47.68 -15.61 26.27
CA ASP D 46 48.98 -16.27 26.17
C ASP D 46 49.11 -17.24 25.01
N GLY D 47 48.05 -17.37 24.22
CA GLY D 47 48.09 -18.24 23.06
C GLY D 47 48.01 -19.72 23.42
N SER D 48 47.70 -20.04 24.66
CA SER D 48 47.65 -21.45 25.12
C SER D 48 46.35 -22.14 24.69
N LEU D 49 46.46 -23.42 24.34
CA LEU D 49 45.33 -24.20 23.95
C LEU D 49 44.50 -24.56 25.20
N PHE D 50 43.22 -24.23 25.19
CA PHE D 50 42.32 -24.67 26.27
C PHE D 50 41.48 -25.88 25.91
N HIS D 51 41.19 -26.06 24.62
CA HIS D 51 40.39 -27.22 24.22
C HIS D 51 40.52 -27.45 22.74
N SER D 52 40.70 -28.70 22.35
CA SER D 52 40.64 -29.05 20.94
C SER D 52 40.08 -30.42 20.77
N THR D 53 39.44 -30.63 19.63
CA THR D 53 38.91 -31.93 19.33
C THR D 53 40.04 -32.92 19.19
N HIS D 54 41.13 -32.48 18.57
CA HIS D 54 42.27 -33.35 18.33
C HIS D 54 42.87 -33.88 19.58
N LYS D 55 43.08 -33.01 20.57
CA LYS D 55 43.68 -33.40 21.81
C LYS D 55 42.69 -33.79 22.92
N HIS D 56 41.72 -32.95 23.22
CA HIS D 56 40.91 -33.17 24.42
C HIS D 56 39.74 -34.09 24.13
N ASN D 57 39.37 -34.26 22.84
CA ASN D 57 38.23 -35.10 22.47
C ASN D 57 38.71 -36.36 21.74
N ASN D 58 39.93 -36.82 22.04
CA ASN D 58 40.41 -38.12 21.53
C ASN D 58 40.49 -38.18 20.03
N GLY D 59 40.68 -37.04 19.41
CA GLY D 59 40.72 -36.94 17.97
C GLY D 59 39.37 -36.94 17.26
N GLN D 60 38.25 -36.96 17.98
CA GLN D 60 36.91 -37.02 17.36
C GLN D 60 36.34 -35.62 17.12
N PRO D 61 35.86 -35.34 15.89
CA PRO D 61 35.16 -34.07 15.63
C PRO D 61 33.83 -34.09 16.40
N ILE D 62 33.17 -32.95 16.42
CA ILE D 62 31.88 -32.80 17.13
C ILE D 62 30.85 -32.19 16.19
N TRP D 63 29.57 -32.51 16.49
CA TRP D 63 28.43 -31.87 15.81
C TRP D 63 27.99 -30.65 16.54
N PHE D 64 27.76 -29.58 15.78
CA PHE D 64 27.29 -28.30 16.25
C PHE D 64 26.11 -27.85 15.41
N THR D 65 25.02 -27.49 16.06
CA THR D 65 23.87 -26.92 15.37
C THR D 65 24.02 -25.41 15.34
N LEU D 66 24.01 -24.84 14.14
CA LEU D 66 24.20 -23.40 13.97
C LEU D 66 22.94 -22.63 14.30
N GLY D 67 23.09 -21.53 15.02
CA GLY D 67 22.03 -20.55 15.14
C GLY D 67 20.96 -20.81 16.19
N ILE D 68 21.22 -21.67 17.15
CA ILE D 68 20.26 -21.94 18.23
C ILE D 68 20.90 -21.72 19.61
N LEU D 69 22.00 -20.99 19.66
CA LEU D 69 22.73 -20.74 20.90
C LEU D 69 23.05 -22.04 21.64
N GLU D 70 23.45 -23.05 20.88
CA GLU D 70 23.85 -24.34 21.42
C GLU D 70 25.16 -24.26 22.20
N ALA D 71 26.02 -23.34 21.79
CA ALA D 71 27.34 -23.29 22.37
C ALA D 71 27.70 -21.83 22.67
N LEU D 72 28.88 -21.38 22.33
CA LEU D 72 29.25 -19.95 22.54
C LEU D 72 28.49 -19.05 21.57
N LYS D 73 28.07 -17.90 22.05
CA LYS D 73 27.37 -16.95 21.19
C LYS D 73 28.24 -16.58 19.98
N GLY D 74 29.56 -16.50 20.20
CA GLY D 74 30.51 -16.21 19.11
C GLY D 74 30.54 -17.21 17.98
N TRP D 75 30.29 -18.48 18.28
CA TRP D 75 30.14 -19.50 17.27
C TRP D 75 28.96 -19.25 16.35
N ASP D 76 27.82 -18.83 16.93
CA ASP D 76 26.64 -18.51 16.13
C ASP D 76 26.91 -17.33 15.18
N GLN D 77 27.66 -16.34 15.69
CA GLN D 77 28.01 -15.20 14.87
C GLN D 77 29.09 -15.48 13.80
N GLY D 78 29.98 -16.42 14.09
CA GLY D 78 31.14 -16.65 13.22
C GLY D 78 31.12 -17.79 12.21
N LEU D 79 30.07 -18.60 12.23
CA LEU D 79 30.05 -19.86 11.45
C LEU D 79 28.94 -19.93 10.39
N LYS D 80 28.36 -18.78 10.06
CA LYS D 80 27.32 -18.71 8.99
C LYS D 80 27.96 -18.69 7.60
N GLY D 81 27.29 -19.28 6.61
CA GLY D 81 27.72 -19.19 5.22
C GLY D 81 29.03 -19.90 4.93
N MET D 82 29.29 -20.95 5.69
CA MET D 82 30.52 -21.70 5.60
C MET D 82 30.33 -22.96 4.75
N CYS D 83 31.36 -23.30 3.96
CA CYS D 83 31.39 -24.49 3.11
CA CYS D 83 31.32 -24.53 3.17
C CYS D 83 32.25 -25.61 3.68
N VAL D 84 31.92 -26.83 3.29
CA VAL D 84 32.74 -27.96 3.64
C VAL D 84 34.13 -27.75 3.07
N GLY D 85 35.14 -27.97 3.89
CA GLY D 85 36.52 -27.70 3.52
C GLY D 85 37.02 -26.31 3.86
N GLU D 86 36.13 -25.44 4.32
CA GLU D 86 36.53 -24.13 4.79
C GLU D 86 37.11 -24.22 6.19
N LYS D 87 38.12 -23.39 6.46
CA LYS D 87 38.71 -23.23 7.79
C LYS D 87 38.63 -21.75 8.15
N ARG D 88 38.10 -21.46 9.34
CA ARG D 88 38.02 -20.07 9.81
C ARG D 88 38.75 -19.91 11.10
N LYS D 89 39.26 -18.69 11.30
CA LYS D 89 39.74 -18.25 12.60
C LYS D 89 38.75 -17.24 13.17
N LEU D 90 38.30 -17.47 14.40
CA LEU D 90 37.39 -16.57 15.08
C LEU D 90 38.09 -15.97 16.27
N ILE D 91 37.99 -14.66 16.40
CA ILE D 91 38.45 -14.01 17.63
C ILE D 91 37.19 -13.54 18.35
N ILE D 92 36.97 -14.09 19.55
CA ILE D 92 35.69 -14.02 20.24
C ILE D 92 35.92 -13.27 21.54
N PRO D 93 35.29 -12.12 21.67
CA PRO D 93 35.40 -11.37 22.95
C PRO D 93 34.64 -12.10 24.08
N PRO D 94 34.98 -11.84 25.37
CA PRO D 94 34.37 -12.63 26.44
C PRO D 94 32.85 -12.59 26.52
N ALA D 95 32.24 -11.47 26.17
CA ALA D 95 30.81 -11.42 26.16
C ALA D 95 30.15 -12.42 25.22
N LEU D 96 30.88 -12.86 24.22
CA LEU D 96 30.39 -13.88 23.29
C LEU D 96 31.04 -15.24 23.53
N GLY D 97 31.80 -15.34 24.63
CA GLY D 97 32.46 -16.55 25.03
C GLY D 97 31.99 -16.99 26.42
N TYR D 98 32.92 -17.07 27.37
CA TYR D 98 32.64 -17.53 28.73
C TYR D 98 32.44 -16.39 29.72
N GLY D 99 32.45 -15.16 29.23
CA GLY D 99 32.00 -14.02 30.00
C GLY D 99 32.79 -13.69 31.26
N LYS D 100 32.12 -12.99 32.16
CA LYS D 100 32.66 -12.61 33.46
C LYS D 100 32.79 -13.84 34.37
N GLU D 101 32.00 -14.86 34.15
CA GLU D 101 32.06 -16.04 34.99
C GLU D 101 33.28 -16.90 34.67
N GLY D 102 33.69 -16.94 33.40
CA GLY D 102 34.62 -17.95 32.94
C GLY D 102 34.00 -19.31 33.09
N LYS D 103 34.82 -20.35 32.98
CA LYS D 103 34.32 -21.67 33.18
C LYS D 103 35.47 -22.57 33.54
N GLY D 104 35.40 -23.20 34.72
CA GLY D 104 36.49 -24.03 35.26
C GLY D 104 37.81 -23.33 35.11
N LYS D 105 38.73 -23.93 34.36
CA LYS D 105 40.07 -23.36 34.22
C LYS D 105 40.15 -22.15 33.27
N ILE D 106 39.04 -21.83 32.57
CA ILE D 106 39.02 -20.65 31.74
C ILE D 106 38.68 -19.44 32.57
N PRO D 107 39.60 -18.46 32.67
CA PRO D 107 39.36 -17.33 33.55
C PRO D 107 38.26 -16.34 33.10
N PRO D 108 37.73 -15.52 34.04
CA PRO D 108 36.88 -14.42 33.67
C PRO D 108 37.51 -13.55 32.60
N GLU D 109 36.66 -12.97 31.77
CA GLU D 109 37.03 -11.94 30.79
C GLU D 109 38.12 -12.39 29.83
N SER D 110 38.02 -13.63 29.38
CA SER D 110 38.99 -14.19 28.45
C SER D 110 38.56 -13.97 27.01
N THR D 111 39.41 -13.32 26.20
CA THR D 111 39.21 -13.32 24.76
C THR D 111 39.71 -14.64 24.22
N LEU D 112 38.98 -15.19 23.27
CA LEU D 112 39.25 -16.51 22.78
C LEU D 112 39.64 -16.46 21.29
N ILE D 113 40.45 -17.43 20.88
CA ILE D 113 40.75 -17.63 19.46
C ILE D 113 40.40 -19.04 19.08
N PHE D 114 39.58 -19.23 18.03
CA PHE D 114 39.27 -20.57 17.55
C PHE D 114 39.70 -20.72 16.11
N ASN D 115 40.30 -21.87 15.77
CA ASN D 115 40.44 -22.30 14.39
C ASN D 115 39.52 -23.48 14.20
N ILE D 116 38.65 -23.38 13.22
CA ILE D 116 37.54 -24.31 13.08
C ILE D 116 37.51 -24.76 11.65
N ASP D 117 37.49 -26.09 11.48
CA ASP D 117 37.44 -26.73 10.18
C ASP D 117 36.07 -27.40 9.98
N LEU D 118 35.41 -27.13 8.87
CA LEU D 118 34.12 -27.77 8.58
C LEU D 118 34.29 -29.00 7.73
N LEU D 119 33.83 -30.15 8.26
CA LEU D 119 33.90 -31.42 7.61
C LEU D 119 32.64 -31.87 6.86
N GLU D 120 31.47 -31.48 7.37
CA GLU D 120 30.19 -31.94 6.83
C GLU D 120 29.07 -31.02 7.29
N ILE D 121 28.08 -30.81 6.40
CA ILE D 121 26.83 -30.11 6.72
C ILE D 121 25.67 -31.09 6.51
N ARG D 122 24.78 -31.17 7.50
CA ARG D 122 23.54 -31.97 7.38
C ARG D 122 22.34 -31.13 7.78
N ASN D 123 21.19 -31.51 7.27
CA ASN D 123 19.94 -30.92 7.69
C ASN D 123 19.74 -31.15 9.17
N GLY D 124 19.25 -30.13 9.86
CA GLY D 124 18.92 -30.23 11.27
C GLY D 124 17.46 -30.64 11.45
N PRO D 125 17.03 -30.91 12.69
CA PRO D 125 15.63 -31.35 12.87
C PRO D 125 14.63 -30.34 12.30
N GLY E 6 -6.26 28.23 29.42
CA GLY E 6 -6.71 27.02 28.71
C GLY E 6 -6.83 27.20 27.20
N ALA E 7 -7.24 28.38 26.75
CA ALA E 7 -7.48 28.65 25.35
C ALA E 7 -6.18 28.45 24.50
N LEU E 8 -5.00 28.62 25.10
CA LEU E 8 -3.75 28.53 24.38
C LEU E 8 -3.09 27.16 24.52
N ILE E 9 -3.77 26.21 25.17
CA ILE E 9 -3.19 24.86 25.37
C ILE E 9 -3.72 23.93 24.33
N PRO E 10 -2.83 23.35 23.51
CA PRO E 10 -3.34 22.45 22.45
C PRO E 10 -3.62 21.05 22.97
N GLU E 11 -4.44 20.30 22.27
CA GLU E 11 -4.68 18.91 22.60
C GLU E 11 -3.47 18.10 22.29
N PRO E 12 -3.17 17.10 23.11
CA PRO E 12 -2.07 16.22 22.80
C PRO E 12 -2.29 15.58 21.41
N GLU E 13 -1.21 15.52 20.63
CA GLU E 13 -1.27 15.02 19.27
C GLU E 13 0.04 14.34 18.90
N VAL E 14 -0.03 13.28 18.08
CA VAL E 14 1.15 12.59 17.61
CA VAL E 14 1.15 12.58 17.61
C VAL E 14 1.86 13.40 16.52
N LYS E 15 3.19 13.37 16.50
CA LYS E 15 3.97 13.92 15.40
C LYS E 15 4.34 12.73 14.50
N ILE E 16 4.06 12.87 13.22
CA ILE E 16 4.33 11.82 12.25
C ILE E 16 5.46 12.27 11.31
N GLU E 17 6.51 11.48 11.17
CA GLU E 17 7.57 11.75 10.19
C GLU E 17 7.63 10.54 9.27
N VAL E 18 7.63 10.77 7.97
CA VAL E 18 7.81 9.68 7.03
C VAL E 18 9.30 9.49 6.77
N LEU E 19 9.84 8.34 7.17
CA LEU E 19 11.25 8.04 7.03
C LEU E 19 11.56 7.44 5.66
N GLN E 20 10.66 6.60 5.16
CA GLN E 20 10.83 5.93 3.87
C GLN E 20 9.48 5.81 3.23
N LYS E 21 9.39 6.07 1.95
CA LYS E 21 8.15 5.82 1.24
C LYS E 21 8.50 5.34 -0.15
N PRO E 22 7.99 4.18 -0.52
CA PRO E 22 8.27 3.71 -1.86
C PRO E 22 7.62 4.55 -2.97
N PHE E 23 8.19 4.46 -4.16
CA PHE E 23 7.59 5.04 -5.35
C PHE E 23 6.19 4.42 -5.62
N ILE E 24 6.07 3.11 -5.52
CA ILE E 24 4.76 2.40 -5.66
C ILE E 24 3.84 2.60 -4.46
N CYS E 25 2.57 2.87 -4.72
CA CYS E 25 1.52 2.71 -3.70
C CYS E 25 0.18 2.26 -4.30
N HIS E 26 -0.25 1.04 -4.01
CA HIS E 26 -1.54 0.51 -4.51
C HIS E 26 -2.69 0.72 -3.58
N ARG E 27 -2.42 0.92 -2.32
CA ARG E 27 -3.44 0.87 -1.27
C ARG E 27 -2.90 1.55 -0.02
N LYS E 28 -3.74 2.34 0.62
CA LYS E 28 -3.36 3.04 1.84
C LYS E 28 -4.23 2.54 2.99
N THR E 29 -3.68 2.49 4.18
CA THR E 29 -4.43 1.99 5.34
C THR E 29 -5.62 2.87 5.69
N LYS E 30 -6.69 2.20 6.09
CA LYS E 30 -7.90 2.85 6.56
C LYS E 30 -8.41 2.09 7.77
N GLY E 31 -9.37 2.68 8.49
CA GLY E 31 -9.85 2.05 9.71
C GLY E 31 -10.38 0.65 9.48
N GLY E 32 -10.03 -0.27 10.35
CA GLY E 32 -10.43 -1.68 10.21
C GLY E 32 -9.46 -2.57 9.44
N ASP E 33 -8.54 -1.98 8.69
CA ASP E 33 -7.48 -2.76 8.03
C ASP E 33 -6.57 -3.48 9.05
N LEU E 34 -6.12 -4.66 8.66
CA LEU E 34 -5.06 -5.39 9.33
C LEU E 34 -3.73 -4.95 8.72
N MET E 35 -2.79 -4.60 9.59
CA MET E 35 -1.49 -4.11 9.20
C MET E 35 -0.43 -5.04 9.77
N LEU E 36 0.42 -5.58 8.91
CA LEU E 36 1.59 -6.39 9.36
C LEU E 36 2.77 -5.46 9.52
N VAL E 37 3.23 -5.29 10.76
CA VAL E 37 4.25 -4.34 11.05
C VAL E 37 5.43 -4.86 11.85
N HIS E 38 6.60 -4.27 11.60
CA HIS E 38 7.71 -4.32 12.53
C HIS E 38 7.76 -3.00 13.24
N TYR E 39 8.21 -2.99 14.47
CA TYR E 39 8.41 -1.74 15.15
C TYR E 39 9.52 -1.81 16.17
N GLU E 40 10.04 -0.61 16.51
CA GLU E 40 10.89 -0.39 17.64
C GLU E 40 10.34 0.80 18.41
N GLY E 41 10.19 0.65 19.71
CA GLY E 41 9.70 1.71 20.58
C GLY E 41 10.78 2.13 21.56
N TYR E 42 10.95 3.44 21.68
CA TYR E 42 11.99 4.05 22.52
C TYR E 42 11.40 5.09 23.42
N LEU E 43 12.05 5.31 24.55
CA LEU E 43 11.65 6.39 25.39
C LEU E 43 12.33 7.64 24.89
N GLU E 44 11.57 8.70 24.72
CA GLU E 44 12.17 9.96 24.28
C GLU E 44 13.16 10.51 25.28
N LYS E 45 12.90 10.31 26.56
CA LYS E 45 13.71 10.97 27.60
C LYS E 45 15.15 10.56 27.55
N ASP E 46 15.42 9.25 27.43
CA ASP E 46 16.82 8.77 27.38
C ASP E 46 17.20 8.02 26.10
N GLY E 47 16.25 7.90 25.18
CA GLY E 47 16.49 7.23 23.94
C GLY E 47 16.57 5.71 24.03
N SER E 48 16.27 5.14 25.20
CA SER E 48 16.42 3.73 25.38
C SER E 48 15.28 2.93 24.68
N LEU E 49 15.63 1.76 24.17
CA LEU E 49 14.63 0.83 23.58
C LEU E 49 13.80 0.16 24.67
N PHE E 50 12.48 0.24 24.60
CA PHE E 50 11.64 -0.48 25.57
C PHE E 50 10.97 -1.72 24.97
N HIS E 51 10.72 -1.74 23.66
CA HIS E 51 10.09 -2.92 23.04
C HIS E 51 10.28 -2.90 21.57
N SER E 52 10.53 -4.06 20.98
CA SER E 52 10.59 -4.19 19.53
C SER E 52 10.21 -5.57 19.08
N THR E 53 9.69 -5.67 17.87
CA THR E 53 9.39 -6.97 17.31
C THR E 53 10.69 -7.75 17.15
N HIS E 54 11.74 -7.06 16.72
CA HIS E 54 13.01 -7.70 16.43
C HIS E 54 13.59 -8.37 17.63
N LYS E 55 13.59 -7.66 18.76
CA LYS E 55 14.14 -8.19 20.00
C LYS E 55 13.15 -9.00 20.83
N HIS E 56 11.91 -8.53 20.97
CA HIS E 56 10.98 -9.10 21.96
C HIS E 56 9.95 -9.98 21.33
N ASN E 57 9.88 -10.04 20.01
CA ASN E 57 9.01 -11.02 19.34
C ASN E 57 9.75 -12.02 18.43
N ASN E 58 10.95 -12.40 18.84
CA ASN E 58 11.74 -13.45 18.12
C ASN E 58 11.97 -13.08 16.67
N GLY E 59 12.09 -11.79 16.41
CA GLY E 59 12.33 -11.31 15.06
C GLY E 59 11.13 -11.25 14.15
N GLN E 60 9.94 -11.59 14.65
CA GLN E 60 8.75 -11.69 13.81
CA GLN E 60 8.75 -11.69 13.82
C GLN E 60 7.88 -10.44 13.92
N PRO E 61 7.25 -10.05 12.79
CA PRO E 61 6.34 -8.93 12.79
C PRO E 61 5.02 -9.33 13.43
N ILE E 62 4.17 -8.33 13.64
CA ILE E 62 2.87 -8.52 14.34
C ILE E 62 1.77 -7.88 13.52
N TRP E 63 0.57 -8.45 13.63
CA TRP E 63 -0.63 -7.89 13.04
C TRP E 63 -1.31 -6.91 13.97
N PHE E 64 -1.63 -5.73 13.43
CA PHE E 64 -2.30 -4.64 14.17
C PHE E 64 -3.53 -4.23 13.36
N THR E 65 -4.67 -4.13 14.02
CA THR E 65 -5.90 -3.61 13.41
C THR E 65 -6.00 -2.12 13.68
N LEU E 66 -6.05 -1.35 12.59
CA LEU E 66 -6.06 0.11 12.68
C LEU E 66 -7.44 0.60 13.10
N GLY E 67 -7.47 1.60 13.99
CA GLY E 67 -8.68 2.37 14.22
C GLY E 67 -9.70 1.78 15.16
N ILE E 68 -9.32 0.82 15.98
CA ILE E 68 -10.25 0.25 16.98
C ILE E 68 -9.68 0.35 18.41
N LEU E 69 -8.66 1.20 18.58
CA LEU E 69 -8.02 1.33 19.90
C LEU E 69 -7.54 -0.06 20.40
N GLU E 70 -6.90 -0.82 19.53
CA GLU E 70 -6.33 -2.12 19.86
C GLU E 70 -5.03 -1.99 20.65
N ALA E 71 -4.31 -0.90 20.39
CA ALA E 71 -3.02 -0.63 21.02
C ALA E 71 -3.05 0.77 21.66
N LEU E 72 -2.03 1.55 21.39
CA LEU E 72 -1.95 2.93 21.87
C LEU E 72 -2.77 3.89 21.05
N LYS E 73 -3.35 4.91 21.68
CA LYS E 73 -4.13 5.88 20.92
C LYS E 73 -3.24 6.51 19.83
N GLY E 74 -1.97 6.70 20.15
CA GLY E 74 -1.00 7.25 19.20
C GLY E 74 -0.76 6.44 17.94
N TRP E 75 -0.87 5.10 18.05
CA TRP E 75 -0.82 4.25 16.88
C TRP E 75 -2.02 4.52 15.94
N ASP E 76 -3.22 4.62 16.50
CA ASP E 76 -4.40 4.89 15.69
C ASP E 76 -4.28 6.23 14.98
N GLN E 77 -3.68 7.22 15.66
CA GLN E 77 -3.52 8.53 15.07
C GLN E 77 -2.43 8.58 14.02
N GLY E 78 -1.45 7.70 14.14
CA GLY E 78 -0.21 7.84 13.40
C GLY E 78 -0.03 6.91 12.21
N LEU E 79 -0.93 5.95 12.04
CA LEU E 79 -0.73 4.87 11.08
C LEU E 79 -1.83 4.84 10.00
N LYS E 80 -2.54 5.95 9.83
CA LYS E 80 -3.54 6.07 8.73
C LYS E 80 -2.89 6.47 7.43
N GLY E 81 -3.47 6.03 6.32
CA GLY E 81 -3.04 6.45 4.97
C GLY E 81 -1.65 5.99 4.59
N MET E 82 -1.23 4.87 5.16
CA MET E 82 0.09 4.36 5.01
C MET E 82 0.09 3.29 3.94
N CYS E 83 1.20 3.23 3.17
CA CYS E 83 1.36 2.20 2.14
CA CYS E 83 1.35 2.17 2.16
C CYS E 83 2.40 1.15 2.52
N VAL E 84 2.30 -0.02 1.88
CA VAL E 84 3.25 -1.11 2.12
C VAL E 84 4.63 -0.62 1.70
N GLY E 85 5.62 -0.87 2.57
CA GLY E 85 7.00 -0.41 2.37
C GLY E 85 7.30 0.94 3.01
N GLU E 86 6.26 1.65 3.49
CA GLU E 86 6.46 2.90 4.17
C GLU E 86 7.00 2.64 5.57
N LYS E 87 7.85 3.53 6.05
CA LYS E 87 8.35 3.51 7.39
C LYS E 87 8.07 4.91 8.00
N ARG E 88 7.47 4.92 9.20
CA ARG E 88 7.17 6.16 9.89
C ARG E 88 7.79 6.19 11.23
N LYS E 89 8.12 7.40 11.67
CA LYS E 89 8.51 7.69 13.05
C LYS E 89 7.35 8.42 13.68
N LEU E 90 6.83 7.88 14.79
CA LEU E 90 5.79 8.52 15.56
C LEU E 90 6.38 9.03 16.84
N ILE E 91 6.15 10.30 17.17
CA ILE E 91 6.47 10.81 18.49
C ILE E 91 5.13 10.93 19.20
N ILE E 92 4.97 10.16 20.28
CA ILE E 92 3.68 10.00 20.98
C ILE E 92 3.75 10.57 22.39
N PRO E 93 3.04 11.69 22.63
CA PRO E 93 2.96 12.20 23.98
C PRO E 93 2.25 11.21 24.94
N PRO E 94 2.52 11.31 26.25
CA PRO E 94 2.01 10.29 27.15
C PRO E 94 0.49 10.11 27.15
N ALA E 95 -0.29 11.20 26.95
CA ALA E 95 -1.76 11.04 26.87
C ALA E 95 -2.20 10.12 25.74
N LEU E 96 -1.38 9.97 24.72
CA LEU E 96 -1.68 9.04 23.61
C LEU E 96 -0.85 7.76 23.70
N GLY E 97 -0.13 7.61 24.81
CA GLY E 97 0.70 6.41 25.05
C GLY E 97 0.24 5.73 26.33
N TYR E 98 1.15 5.64 27.29
CA TYR E 98 0.88 4.94 28.57
C TYR E 98 0.55 5.84 29.75
N GLY E 99 0.41 7.13 29.46
CA GLY E 99 -0.17 8.07 30.38
C GLY E 99 0.54 8.28 31.70
N LYS E 100 -0.22 8.69 32.70
CA LYS E 100 0.32 8.91 34.02
C LYS E 100 0.63 7.57 34.69
N GLU E 101 -0.04 6.50 34.27
CA GLU E 101 0.17 5.22 34.94
C GLU E 101 1.49 4.62 34.55
N GLY E 102 1.91 4.85 33.30
CA GLY E 102 2.98 4.09 32.70
C GLY E 102 2.55 2.64 32.59
N LYS E 103 3.50 1.76 32.39
CA LYS E 103 3.19 0.35 32.35
C LYS E 103 4.44 -0.43 32.57
N GLY E 104 4.47 -1.27 33.59
CA GLY E 104 5.67 -2.03 33.95
C GLY E 104 6.87 -1.12 34.02
N LYS E 105 7.88 -1.39 33.22
CA LYS E 105 9.10 -0.62 33.28
C LYS E 105 9.01 0.76 32.57
N ILE E 106 7.89 1.04 31.90
CA ILE E 106 7.73 2.32 31.20
C ILE E 106 7.19 3.33 32.22
N PRO E 107 7.99 4.35 32.54
CA PRO E 107 7.56 5.29 33.58
C PRO E 107 6.33 6.15 33.25
N PRO E 108 5.64 6.64 34.29
CA PRO E 108 4.68 7.72 34.09
C PRO E 108 5.17 8.88 33.19
N GLU E 109 4.25 9.45 32.45
CA GLU E 109 4.46 10.65 31.64
C GLU E 109 5.62 10.49 30.65
N SER E 110 5.75 9.33 30.04
CA SER E 110 6.80 9.08 29.06
C SER E 110 6.34 9.48 27.66
N THR E 111 7.09 10.33 27.00
CA THR E 111 6.94 10.51 25.54
C THR E 111 7.64 9.38 24.86
N LEU E 112 6.98 8.83 23.84
CA LEU E 112 7.47 7.62 23.18
C LEU E 112 7.84 7.94 21.75
N ILE E 113 8.85 7.24 21.24
CA ILE E 113 9.24 7.32 19.82
C ILE E 113 9.08 5.92 19.24
N PHE E 114 8.26 5.77 18.18
CA PHE E 114 8.15 4.47 17.50
C PHE E 114 8.64 4.62 16.07
N ASN E 115 9.44 3.68 15.62
CA ASN E 115 9.74 3.52 14.20
C ASN E 115 8.94 2.29 13.76
N ILE E 116 8.09 2.44 12.75
CA ILE E 116 7.15 1.39 12.38
C ILE E 116 7.22 1.21 10.89
N ASP E 117 7.43 -0.06 10.48
CA ASP E 117 7.53 -0.42 9.06
C ASP E 117 6.33 -1.23 8.69
N LEU E 118 5.67 -0.86 7.60
CA LEU E 118 4.49 -1.57 7.14
C LEU E 118 4.87 -2.60 6.07
N LEU E 119 4.62 -3.87 6.36
CA LEU E 119 4.93 -4.96 5.47
C LEU E 119 3.79 -5.38 4.57
N GLU E 120 2.56 -5.33 5.07
CA GLU E 120 1.43 -5.88 4.36
C GLU E 120 0.16 -5.24 4.92
N ILE E 121 -0.84 -5.09 4.05
CA ILE E 121 -2.17 -4.68 4.45
C ILE E 121 -3.16 -5.77 4.03
N ARG E 122 -4.08 -6.14 4.93
CA ARG E 122 -5.19 -7.03 4.60
C ARG E 122 -6.51 -6.43 5.07
N ASN E 123 -7.60 -6.85 4.41
CA ASN E 123 -8.94 -6.55 4.88
C ASN E 123 -9.11 -7.07 6.30
N GLY E 124 -9.78 -6.29 7.13
CA GLY E 124 -10.04 -6.71 8.52
C GLY E 124 -11.10 -7.80 8.52
N PRO E 125 -11.20 -8.58 9.60
CA PRO E 125 -12.05 -9.79 9.48
C PRO E 125 -13.49 -9.47 9.10
N GLY F 6 22.71 -27.35 -37.78
CA GLY F 6 22.48 -26.51 -36.56
C GLY F 6 23.46 -25.35 -36.44
N ALA F 7 24.65 -25.52 -37.01
CA ALA F 7 25.70 -24.52 -36.85
C ALA F 7 25.34 -23.15 -37.41
N LEU F 8 24.49 -23.14 -38.44
CA LEU F 8 24.10 -21.90 -39.12
C LEU F 8 22.84 -21.28 -38.56
N ILE F 9 22.25 -21.88 -37.54
CA ILE F 9 21.02 -21.34 -36.97
C ILE F 9 21.39 -20.40 -35.85
N PRO F 10 21.10 -19.10 -36.00
CA PRO F 10 21.42 -18.20 -34.91
C PRO F 10 20.48 -18.32 -33.71
N GLU F 11 20.95 -17.88 -32.55
CA GLU F 11 20.09 -17.86 -31.37
C GLU F 11 19.03 -16.78 -31.54
N PRO F 12 17.79 -17.06 -31.09
CA PRO F 12 16.81 -15.98 -31.01
C PRO F 12 17.39 -14.77 -30.28
N GLU F 13 17.12 -13.58 -30.77
CA GLU F 13 17.69 -12.42 -30.19
C GLU F 13 16.76 -11.21 -30.22
N VAL F 14 16.72 -10.46 -29.13
CA VAL F 14 15.91 -9.25 -29.02
CA VAL F 14 15.93 -9.24 -29.05
C VAL F 14 16.63 -8.10 -29.77
N LYS F 15 15.87 -7.21 -30.38
CA LYS F 15 16.44 -5.94 -30.88
C LYS F 15 16.26 -4.93 -29.77
N ILE F 16 17.32 -4.25 -29.41
CA ILE F 16 17.29 -3.24 -28.38
C ILE F 16 17.48 -1.87 -29.02
N GLU F 17 16.56 -0.94 -28.78
CA GLU F 17 16.76 0.44 -29.19
C GLU F 17 16.73 1.30 -27.95
N VAL F 18 17.74 2.16 -27.76
CA VAL F 18 17.73 3.07 -26.61
C VAL F 18 16.96 4.30 -27.03
N LEU F 19 15.82 4.56 -26.40
CA LEU F 19 14.98 5.72 -26.74
C LEU F 19 15.46 6.97 -26.06
N GLN F 20 15.94 6.82 -24.82
CA GLN F 20 16.49 7.96 -24.09
C GLN F 20 17.43 7.48 -23.02
N LYS F 21 18.43 8.30 -22.79
CA LYS F 21 19.45 7.95 -21.84
C LYS F 21 19.92 9.23 -21.22
N PRO F 22 19.93 9.31 -19.88
CA PRO F 22 20.43 10.53 -19.28
C PRO F 22 21.92 10.72 -19.52
N PHE F 23 22.33 11.99 -19.46
CA PHE F 23 23.71 12.37 -19.70
C PHE F 23 24.59 11.76 -18.60
N ILE F 24 24.08 11.73 -17.37
CA ILE F 24 24.74 11.00 -16.27
C ILE F 24 24.17 9.57 -16.19
N CYS F 25 25.05 8.58 -16.33
CA CYS F 25 24.60 7.19 -16.49
C CYS F 25 25.71 6.37 -15.88
N HIS F 26 25.55 6.06 -14.58
CA HIS F 26 26.61 5.53 -13.76
CA HIS F 26 26.63 5.52 -13.80
C HIS F 26 26.29 4.09 -13.48
N ARG F 27 25.53 3.83 -12.42
CA ARG F 27 25.23 2.42 -12.04
C ARG F 27 24.42 1.79 -13.17
N LYS F 28 24.84 0.60 -13.59
CA LYS F 28 24.14 -0.11 -14.66
C LYS F 28 23.67 -1.48 -14.18
N THR F 29 22.51 -1.90 -14.67
CA THR F 29 21.88 -3.13 -14.18
C THR F 29 22.71 -4.35 -14.51
N LYS F 30 22.70 -5.28 -13.57
CA LYS F 30 23.43 -6.55 -13.70
C LYS F 30 22.58 -7.62 -13.09
N GLY F 31 22.95 -8.88 -13.31
CA GLY F 31 22.16 -10.01 -12.88
C GLY F 31 21.90 -9.97 -11.39
N GLY F 32 20.66 -10.20 -11.02
CA GLY F 32 20.26 -10.19 -9.62
C GLY F 32 19.77 -8.84 -9.09
N ASP F 33 20.06 -7.76 -9.80
CA ASP F 33 19.49 -6.44 -9.45
C ASP F 33 17.96 -6.44 -9.52
N LEU F 34 17.36 -5.65 -8.62
CA LEU F 34 15.96 -5.37 -8.64
C LEU F 34 15.78 -4.07 -9.42
N MET F 35 14.91 -4.12 -10.41
CA MET F 35 14.63 -3.01 -11.30
C MET F 35 13.18 -2.56 -11.14
N LEU F 36 12.97 -1.26 -10.87
CA LEU F 36 11.64 -0.72 -10.83
C LEU F 36 11.33 -0.13 -12.19
N VAL F 37 10.32 -0.67 -12.88
CA VAL F 37 10.03 -0.24 -14.26
C VAL F 37 8.56 0.04 -14.55
N HIS F 38 8.34 1.00 -15.46
CA HIS F 38 7.10 1.15 -16.18
C HIS F 38 7.30 0.46 -17.50
N TYR F 39 6.24 -0.13 -18.04
CA TYR F 39 6.31 -0.64 -19.41
C TYR F 39 4.97 -0.59 -20.13
N GLU F 40 5.07 -0.59 -21.45
CA GLU F 40 3.91 -0.82 -22.33
C GLU F 40 4.33 -1.91 -23.30
N GLY F 41 3.46 -2.91 -23.48
CA GLY F 41 3.72 -4.02 -24.41
C GLY F 41 2.68 -4.05 -25.51
N TYR F 42 3.17 -4.15 -26.74
CA TYR F 42 2.37 -4.08 -27.95
C TYR F 42 2.68 -5.22 -28.88
N LEU F 43 1.71 -5.55 -29.73
CA LEU F 43 1.95 -6.56 -30.75
C LEU F 43 2.58 -5.87 -31.91
N GLU F 44 3.68 -6.43 -32.42
CA GLU F 44 4.32 -5.87 -33.57
C GLU F 44 3.40 -5.86 -34.78
N LYS F 45 2.59 -6.89 -34.94
CA LYS F 45 1.81 -7.04 -36.15
C LYS F 45 0.84 -5.87 -36.40
N ASP F 46 0.10 -5.47 -35.36
CA ASP F 46 -0.91 -4.43 -35.52
C ASP F 46 -0.72 -3.24 -34.59
N GLY F 47 0.33 -3.27 -33.79
CA GLY F 47 0.62 -2.16 -32.88
C GLY F 47 -0.30 -2.08 -31.66
N SER F 48 -1.16 -3.09 -31.45
CA SER F 48 -2.15 -3.02 -30.39
C SER F 48 -1.53 -3.26 -29.02
N LEU F 49 -2.02 -2.55 -28.01
CA LEU F 49 -1.52 -2.67 -26.63
C LEU F 49 -2.08 -3.91 -25.95
N PHE F 50 -1.22 -4.78 -25.42
CA PHE F 50 -1.69 -5.94 -24.68
C PHE F 50 -1.53 -5.81 -23.21
N HIS F 51 -0.57 -5.01 -22.73
CA HIS F 51 -0.41 -4.83 -21.30
C HIS F 51 0.43 -3.65 -20.99
N SER F 52 0.03 -2.85 -20.00
CA SER F 52 0.92 -1.80 -19.51
C SER F 52 0.75 -1.60 -18.04
N THR F 53 1.79 -1.10 -17.39
CA THR F 53 1.69 -0.73 -16.01
C THR F 53 0.70 0.42 -15.85
N HIS F 54 0.73 1.35 -16.77
CA HIS F 54 -0.13 2.55 -16.68
C HIS F 54 -1.58 2.20 -16.71
N LYS F 55 -1.97 1.36 -17.65
CA LYS F 55 -3.37 0.97 -17.81
C LYS F 55 -3.78 -0.24 -16.96
N HIS F 56 -2.94 -1.25 -16.81
CA HIS F 56 -3.35 -2.50 -16.14
C HIS F 56 -2.81 -2.72 -14.75
N ASN F 57 -1.95 -1.82 -14.27
CA ASN F 57 -1.47 -1.91 -12.91
C ASN F 57 -1.76 -0.67 -12.08
N ASN F 58 -2.90 -0.06 -12.33
CA ASN F 58 -3.36 1.12 -11.57
C ASN F 58 -2.35 2.26 -11.62
N GLY F 59 -1.65 2.39 -12.74
CA GLY F 59 -0.67 3.45 -12.89
C GLY F 59 0.64 3.25 -12.14
N GLN F 60 0.84 2.09 -11.51
CA GLN F 60 2.03 1.84 -10.71
C GLN F 60 3.08 1.02 -11.50
N PRO F 61 4.35 1.36 -11.31
CA PRO F 61 5.43 0.52 -11.83
C PRO F 61 5.53 -0.81 -11.09
N ILE F 62 6.37 -1.70 -11.61
CA ILE F 62 6.54 -3.01 -11.02
C ILE F 62 8.03 -3.30 -10.82
N TRP F 63 8.34 -4.13 -9.82
CA TRP F 63 9.71 -4.64 -9.61
C TRP F 63 9.96 -5.88 -10.41
N PHE F 64 11.14 -5.94 -11.04
CA PHE F 64 11.60 -7.06 -11.82
C PHE F 64 13.04 -7.39 -11.43
N THR F 65 13.30 -8.67 -11.16
CA THR F 65 14.66 -9.11 -10.89
C THR F 65 15.30 -9.55 -12.21
N LEU F 66 16.41 -8.90 -12.56
CA LEU F 66 17.12 -9.19 -13.81
C LEU F 66 17.91 -10.51 -13.72
N GLY F 67 17.82 -11.31 -14.77
CA GLY F 67 18.76 -12.39 -14.98
C GLY F 67 18.46 -13.68 -14.28
N ILE F 68 17.23 -13.89 -13.82
CA ILE F 68 16.86 -15.14 -13.18
C ILE F 68 15.65 -15.78 -13.90
N LEU F 69 15.39 -15.35 -15.14
CA LEU F 69 14.25 -15.86 -15.92
C LEU F 69 12.94 -15.77 -15.12
N GLU F 70 12.75 -14.64 -14.46
CA GLU F 70 11.55 -14.34 -13.70
C GLU F 70 10.39 -14.09 -14.64
N ALA F 71 10.70 -13.58 -15.83
CA ALA F 71 9.67 -13.15 -16.76
C ALA F 71 10.02 -13.62 -18.16
N LEU F 72 9.81 -12.79 -19.18
CA LEU F 72 10.07 -13.21 -20.56
C LEU F 72 11.60 -13.32 -20.74
N LYS F 73 12.04 -14.28 -21.53
CA LYS F 73 13.47 -14.40 -21.79
C LYS F 73 14.02 -13.13 -22.43
N GLY F 74 13.19 -12.50 -23.26
CA GLY F 74 13.55 -11.25 -23.91
C GLY F 74 13.86 -10.11 -22.97
N TRP F 75 13.18 -10.09 -21.81
CA TRP F 75 13.48 -9.11 -20.76
C TRP F 75 14.87 -9.31 -20.21
N ASP F 76 15.25 -10.57 -19.95
CA ASP F 76 16.57 -10.84 -19.44
C ASP F 76 17.61 -10.41 -20.47
N GLN F 77 17.33 -10.59 -21.76
CA GLN F 77 18.32 -10.28 -22.82
C GLN F 77 18.38 -8.79 -23.06
N GLY F 78 17.29 -8.10 -22.80
CA GLY F 78 17.12 -6.71 -23.23
C GLY F 78 17.32 -5.63 -22.18
N LEU F 79 17.43 -6.00 -20.89
CA LEU F 79 17.41 -5.03 -19.81
C LEU F 79 18.74 -4.97 -19.02
N LYS F 80 19.81 -5.55 -19.59
CA LYS F 80 21.16 -5.48 -18.97
C LYS F 80 21.84 -4.15 -19.25
N GLY F 81 22.67 -3.72 -18.33
CA GLY F 81 23.51 -2.57 -18.56
C GLY F 81 22.77 -1.26 -18.67
N MET F 82 21.61 -1.19 -18.00
CA MET F 82 20.71 -0.06 -18.12
C MET F 82 20.91 0.87 -16.92
N CYS F 83 20.84 2.17 -17.16
CA CYS F 83 20.89 3.12 -16.07
C CYS F 83 19.50 3.73 -15.72
N VAL F 84 19.37 4.20 -14.49
CA VAL F 84 18.15 4.84 -14.05
C VAL F 84 17.90 6.10 -14.92
N GLY F 85 16.66 6.25 -15.36
CA GLY F 85 16.24 7.26 -16.32
C GLY F 85 16.31 6.78 -17.77
N GLU F 86 16.95 5.63 -18.03
CA GLU F 86 17.03 5.10 -19.40
C GLU F 86 15.69 4.51 -19.81
N LYS F 87 15.38 4.63 -21.10
CA LYS F 87 14.19 4.03 -21.66
C LYS F 87 14.62 3.23 -22.89
N ARG F 88 14.19 1.97 -22.98
CA ARG F 88 14.47 1.12 -24.10
C ARG F 88 13.21 0.61 -24.79
N LYS F 89 13.33 0.40 -26.10
CA LYS F 89 12.36 -0.34 -26.87
C LYS F 89 12.97 -1.69 -27.13
N LEU F 90 12.26 -2.72 -26.79
CA LEU F 90 12.66 -4.12 -27.09
C LEU F 90 11.74 -4.74 -28.13
N ILE F 91 12.29 -5.31 -29.19
CA ILE F 91 11.50 -6.07 -30.12
C ILE F 91 11.83 -7.50 -29.86
N ILE F 92 10.82 -8.30 -29.46
CA ILE F 92 11.05 -9.60 -28.87
C ILE F 92 10.37 -10.67 -29.72
N PRO F 93 11.16 -11.56 -30.29
CA PRO F 93 10.55 -12.59 -31.14
C PRO F 93 9.79 -13.53 -30.24
N PRO F 94 8.80 -14.30 -30.80
CA PRO F 94 8.03 -15.19 -29.92
C PRO F 94 8.84 -16.22 -29.10
N ALA F 95 9.97 -16.71 -29.62
CA ALA F 95 10.82 -17.63 -28.88
C ALA F 95 11.40 -17.06 -27.61
N LEU F 96 11.45 -15.72 -27.53
CA LEU F 96 11.88 -15.04 -26.31
C LEU F 96 10.70 -14.32 -25.62
N GLY F 97 9.47 -14.62 -26.08
CA GLY F 97 8.25 -14.05 -25.49
C GLY F 97 7.35 -15.18 -25.03
N TYR F 98 6.15 -15.29 -25.62
CA TYR F 98 5.17 -16.29 -25.20
C TYR F 98 5.09 -17.52 -26.11
N GLY F 99 5.93 -17.56 -27.13
CA GLY F 99 6.06 -18.74 -27.96
C GLY F 99 4.72 -19.12 -28.57
N LYS F 100 4.39 -20.42 -28.49
CA LYS F 100 3.16 -20.92 -29.05
C LYS F 100 1.95 -20.57 -28.20
N GLU F 101 2.12 -20.28 -26.91
CA GLU F 101 0.97 -20.10 -26.00
C GLU F 101 0.12 -18.85 -26.24
N GLY F 102 -1.18 -19.04 -26.41
CA GLY F 102 -2.08 -17.87 -26.63
C GLY F 102 -2.47 -17.11 -25.36
N LYS F 103 -2.44 -15.77 -25.41
CA LYS F 103 -2.85 -14.88 -24.33
C LYS F 103 -4.06 -14.06 -24.80
N GLY F 104 -4.83 -13.60 -23.85
CA GLY F 104 -6.01 -12.77 -24.11
C GLY F 104 -5.97 -11.83 -25.34
N LYS F 105 -4.90 -11.07 -25.33
CA LYS F 105 -4.52 -10.10 -26.35
C LYS F 105 -3.28 -10.44 -27.17
N ILE F 106 -2.84 -11.70 -27.15
CA ILE F 106 -1.59 -12.09 -27.85
C ILE F 106 -1.69 -13.44 -28.51
N PRO F 107 -1.88 -13.44 -29.82
CA PRO F 107 -1.95 -14.72 -30.50
C PRO F 107 -0.67 -15.52 -30.36
N PRO F 108 -0.76 -16.83 -30.56
CA PRO F 108 0.48 -17.64 -30.70
C PRO F 108 1.47 -17.05 -31.70
N GLU F 109 2.78 -17.27 -31.47
CA GLU F 109 3.87 -16.84 -32.39
C GLU F 109 3.88 -15.35 -32.70
N SER F 110 3.62 -14.54 -31.69
CA SER F 110 3.61 -13.10 -31.87
CA SER F 110 3.59 -13.06 -31.84
C SER F 110 4.94 -12.41 -31.50
N THR F 111 5.39 -11.50 -32.37
CA THR F 111 6.52 -10.65 -32.05
C THR F 111 5.97 -9.52 -31.21
N LEU F 112 6.69 -9.17 -30.14
CA LEU F 112 6.28 -8.18 -29.17
C LEU F 112 7.18 -6.97 -29.18
N ILE F 113 6.60 -5.82 -28.90
CA ILE F 113 7.33 -4.58 -28.73
C ILE F 113 7.09 -4.09 -27.31
N PHE F 114 8.14 -3.89 -26.54
CA PHE F 114 8.00 -3.32 -25.21
C PHE F 114 8.72 -1.98 -25.18
N ASN F 115 8.09 -0.95 -24.62
CA ASN F 115 8.82 0.26 -24.16
C ASN F 115 8.93 0.15 -22.63
N ILE F 116 10.16 0.18 -22.13
CA ILE F 116 10.44 -0.07 -20.72
C ILE F 116 11.28 1.10 -20.22
N ASP F 117 10.79 1.71 -19.14
CA ASP F 117 11.42 2.87 -18.51
C ASP F 117 11.97 2.45 -17.14
N LEU F 118 13.25 2.68 -16.87
CA LEU F 118 13.84 2.26 -15.60
C LEU F 118 13.84 3.42 -14.57
N LEU F 119 13.19 3.19 -13.44
CA LEU F 119 12.95 4.19 -12.43
C LEU F 119 13.89 4.11 -11.21
N GLU F 120 14.32 2.91 -10.87
CA GLU F 120 15.16 2.65 -9.71
C GLU F 120 15.86 1.30 -9.83
N ILE F 121 17.10 1.25 -9.31
CA ILE F 121 17.84 0.01 -9.21
C ILE F 121 18.08 -0.20 -7.72
N ARG F 122 17.85 -1.43 -7.26
CA ARG F 122 18.15 -1.82 -5.88
C ARG F 122 18.96 -3.14 -5.90
N ASN F 123 19.84 -3.32 -4.94
CA ASN F 123 20.50 -4.61 -4.73
C ASN F 123 19.46 -5.70 -4.51
N GLY F 124 19.70 -6.86 -5.10
CA GLY F 124 18.82 -8.02 -4.94
C GLY F 124 19.27 -8.79 -3.71
N PRO F 125 18.36 -9.57 -3.11
CA PRO F 125 18.70 -10.40 -1.97
C PRO F 125 18.59 -11.90 -2.29
N GLY G 6 45.94 -8.48 2.57
CA GLY G 6 45.72 -7.95 3.96
C GLY G 6 46.70 -6.86 4.31
N ALA G 7 47.91 -6.94 3.79
CA ALA G 7 48.95 -5.98 4.09
C ALA G 7 48.60 -4.53 3.70
N LEU G 8 47.81 -4.39 2.65
CA LEU G 8 47.40 -3.09 2.11
C LEU G 8 46.05 -2.60 2.66
N ILE G 9 45.46 -3.33 3.59
CA ILE G 9 44.24 -2.90 4.22
C ILE G 9 44.58 -2.09 5.48
N PRO G 10 44.17 -0.82 5.53
CA PRO G 10 44.49 -0.05 6.72
C PRO G 10 43.57 -0.41 7.88
N GLU G 11 44.01 -0.15 9.08
CA GLU G 11 43.16 -0.30 10.23
C GLU G 11 42.04 0.74 10.18
N PRO G 12 40.84 0.36 10.65
CA PRO G 12 39.75 1.32 10.70
C PRO G 12 40.21 2.51 11.51
N GLU G 13 39.82 3.71 11.10
CA GLU G 13 40.34 4.87 11.74
C GLU G 13 39.34 6.02 11.68
N VAL G 14 39.21 6.73 12.80
CA VAL G 14 38.32 7.88 12.91
CA VAL G 14 38.32 7.88 12.95
C VAL G 14 38.93 9.10 12.28
N LYS G 15 38.10 9.99 11.72
CA LYS G 15 38.56 11.30 11.29
CA LYS G 15 38.55 11.29 11.31
C LYS G 15 38.29 12.26 12.43
N ILE G 16 39.29 13.03 12.79
CA ILE G 16 39.18 13.97 13.90
C ILE G 16 39.30 15.38 13.35
N GLU G 17 38.34 16.22 13.64
CA GLU G 17 38.45 17.64 13.31
C GLU G 17 38.35 18.46 14.62
N VAL G 18 39.27 19.38 14.85
CA VAL G 18 39.22 20.21 16.05
C VAL G 18 38.36 21.43 15.71
N LEU G 19 37.22 21.54 16.38
CA LEU G 19 36.31 22.66 16.17
C LEU G 19 36.69 23.88 16.99
N GLN G 20 37.22 23.66 18.20
CA GLN G 20 37.60 24.74 19.11
C GLN G 20 38.75 24.26 19.94
N LYS G 21 39.77 25.11 20.13
CA LYS G 21 40.85 24.77 21.06
C LYS G 21 41.27 26.06 21.77
N PRO G 22 41.24 26.08 23.09
CA PRO G 22 41.67 27.28 23.80
C PRO G 22 43.16 27.55 23.70
N PHE G 23 43.52 28.79 23.95
CA PHE G 23 44.93 29.21 23.98
C PHE G 23 45.77 28.50 25.06
N ILE G 24 45.17 28.27 26.20
CA ILE G 24 45.83 27.52 27.27
C ILE G 24 45.43 26.06 27.13
N CYS G 25 46.42 25.17 27.20
CA CYS G 25 46.17 23.72 27.06
C CYS G 25 47.15 23.00 28.03
N HIS G 26 46.80 23.01 29.32
CA HIS G 26 47.71 22.62 30.42
C HIS G 26 47.73 21.17 30.88
N ARG G 27 46.72 20.39 30.56
CA ARG G 27 46.69 18.98 30.81
C ARG G 27 45.96 18.38 29.62
N LYS G 28 46.50 17.28 29.07
CA LYS G 28 45.88 16.62 27.94
C LYS G 28 45.47 15.21 28.39
N THR G 29 44.38 14.73 27.84
CA THR G 29 43.90 13.40 28.21
C THR G 29 44.86 12.27 27.86
N LYS G 30 44.90 11.27 28.75
CA LYS G 30 45.76 10.10 28.60
C LYS G 30 44.93 8.92 29.06
N GLY G 31 45.37 7.71 28.76
CA GLY G 31 44.60 6.52 29.06
C GLY G 31 44.30 6.42 30.53
N GLY G 32 43.08 6.04 30.85
CA GLY G 32 42.66 5.92 32.26
C GLY G 32 42.05 7.18 32.85
N ASP G 33 42.29 8.34 32.24
CA ASP G 33 41.65 9.61 32.68
C ASP G 33 40.14 9.54 32.57
N LEU G 34 39.48 10.23 33.50
CA LEU G 34 38.05 10.47 33.46
C LEU G 34 37.83 11.79 32.73
N MET G 35 36.95 11.77 31.74
CA MET G 35 36.63 12.92 30.91
C MET G 35 35.16 13.28 31.06
N LEU G 36 34.90 14.53 31.39
CA LEU G 36 33.52 15.01 31.50
C LEU G 36 33.17 15.68 30.18
N VAL G 37 32.23 15.08 29.47
CA VAL G 37 31.92 15.53 28.09
C VAL G 37 30.43 15.76 27.86
N HIS G 38 30.12 16.75 27.03
CA HIS G 38 28.86 16.85 26.33
C HIS G 38 29.07 16.30 24.94
N TYR G 39 28.05 15.67 24.37
CA TYR G 39 28.12 15.23 22.99
C TYR G 39 26.79 15.22 22.30
N GLU G 40 26.85 15.24 20.98
CA GLU G 40 25.74 14.91 20.13
C GLU G 40 26.25 13.88 19.11
N GLY G 41 25.49 12.81 18.93
CA GLY G 41 25.81 11.80 17.92
C GLY G 41 24.74 11.72 16.87
N TYR G 42 25.21 11.75 15.61
CA TYR G 42 24.36 11.79 14.44
C TYR G 42 24.71 10.66 13.46
N LEU G 43 23.72 10.20 12.70
CA LEU G 43 23.99 9.27 11.66
C LEU G 43 24.46 10.06 10.44
N GLU G 44 25.57 9.66 9.84
CA GLU G 44 26.07 10.38 8.68
C GLU G 44 25.08 10.31 7.53
N LYS G 45 24.41 9.19 7.40
CA LYS G 45 23.61 8.95 6.19
C LYS G 45 22.46 9.92 6.02
N ASP G 46 21.72 10.18 7.09
CA ASP G 46 20.60 11.13 7.02
C ASP G 46 20.73 12.36 7.94
N GLY G 47 21.83 12.44 8.68
CA GLY G 47 22.08 13.57 9.53
C GLY G 47 21.22 13.59 10.80
N SER G 48 20.48 12.50 11.07
CA SER G 48 19.58 12.46 12.23
C SER G 48 20.36 12.26 13.52
N LEU G 49 19.86 12.91 14.57
CA LEU G 49 20.43 12.76 15.91
C LEU G 49 19.98 11.43 16.51
N PHE G 50 20.92 10.60 16.94
CA PHE G 50 20.55 9.36 17.61
C PHE G 50 20.70 9.45 19.11
N HIS G 51 21.60 10.31 19.61
CA HIS G 51 21.76 10.44 21.06
C HIS G 51 22.54 11.70 21.39
N SER G 52 22.13 12.41 22.43
CA SER G 52 22.92 13.50 22.94
C SER G 52 22.74 13.62 24.43
N THR G 53 23.74 14.20 25.06
CA THR G 53 23.65 14.49 26.48
C THR G 53 22.56 15.54 26.72
N HIS G 54 22.50 16.53 25.84
CA HIS G 54 21.54 17.61 25.99
C HIS G 54 20.11 17.13 25.99
N LYS G 55 19.79 16.25 25.05
CA LYS G 55 18.43 15.76 24.88
C LYS G 55 18.13 14.52 25.73
N HIS G 56 19.06 13.60 25.83
CA HIS G 56 18.79 12.30 26.43
C HIS G 56 19.42 12.06 27.78
N ASN G 57 20.17 13.04 28.28
CA ASN G 57 20.68 12.93 29.63
C ASN G 57 20.27 14.08 30.51
N ASN G 58 19.06 14.55 30.34
CA ASN G 58 18.53 15.63 31.21
CA ASN G 58 18.52 15.62 31.20
C ASN G 58 19.42 16.89 31.15
N GLY G 59 19.98 17.18 29.98
CA GLY G 59 20.83 18.35 29.81
C GLY G 59 22.22 18.26 30.45
N GLN G 60 22.57 17.11 31.01
CA GLN G 60 23.80 17.00 31.81
C GLN G 60 24.88 16.29 31.03
N PRO G 61 26.13 16.67 31.23
CA PRO G 61 27.26 15.92 30.62
C PRO G 61 27.48 14.58 31.31
N ILE G 62 28.34 13.74 30.74
CA ILE G 62 28.59 12.42 31.25
C ILE G 62 30.08 12.22 31.46
N TRP G 63 30.43 11.32 32.36
CA TRP G 63 31.84 10.90 32.53
C TRP G 63 32.16 9.73 31.66
N PHE G 64 33.31 9.79 31.01
CA PHE G 64 33.84 8.75 30.15
C PHE G 64 35.28 8.48 30.58
N THR G 65 35.63 7.20 30.71
CA THR G 65 37.01 6.80 30.96
C THR G 65 37.69 6.51 29.64
N LEU G 66 38.76 7.24 29.35
CA LEU G 66 39.53 7.09 28.10
C LEU G 66 40.40 5.83 28.11
N GLY G 67 40.40 5.12 26.99
CA GLY G 67 41.37 4.08 26.74
C GLY G 67 41.14 2.72 27.36
N ILE G 68 39.91 2.42 27.78
CA ILE G 68 39.60 1.09 28.30
C ILE G 68 38.47 0.40 27.52
N LEU G 69 38.18 0.89 26.31
CA LEU G 69 37.04 0.41 25.53
C LEU G 69 35.71 0.41 26.33
N GLU G 70 35.48 1.49 27.07
CA GLU G 70 34.27 1.68 27.84
C GLU G 70 33.08 1.94 26.93
N ALA G 71 33.34 2.58 25.81
CA ALA G 71 32.29 3.04 24.92
C ALA G 71 32.58 2.52 23.50
N LEU G 72 32.53 3.39 22.52
CA LEU G 72 32.84 3.02 21.11
C LEU G 72 34.34 3.02 20.91
N LYS G 73 34.84 2.10 20.06
CA LYS G 73 36.28 2.09 19.78
C LYS G 73 36.73 3.42 19.23
N GLY G 74 35.87 4.04 18.44
CA GLY G 74 36.14 5.37 17.87
C GLY G 74 36.35 6.48 18.90
N TRP G 75 35.68 6.40 20.03
CA TRP G 75 35.91 7.34 21.13
C TRP G 75 37.30 7.23 21.70
N ASP G 76 37.75 6.00 21.89
CA ASP G 76 39.13 5.78 22.38
C ASP G 76 40.13 6.32 21.39
N GLN G 77 39.86 6.20 20.10
CA GLN G 77 40.78 6.69 19.08
C GLN G 77 40.76 8.19 18.95
N GLY G 78 39.61 8.80 19.22
CA GLY G 78 39.37 10.18 18.85
C GLY G 78 39.47 11.18 19.94
N LEU G 79 39.66 10.75 21.20
CA LEU G 79 39.60 11.64 22.35
C LEU G 79 40.93 11.69 23.18
N LYS G 80 42.03 11.25 22.58
CA LYS G 80 43.35 11.32 23.23
C LYS G 80 43.92 12.72 23.06
N GLY G 81 44.74 13.13 24.03
CA GLY G 81 45.51 14.36 23.89
C GLY G 81 44.67 15.61 23.83
N MET G 82 43.51 15.56 24.47
CA MET G 82 42.55 16.62 24.41
C MET G 82 42.63 17.46 25.65
N CYS G 83 42.43 18.77 25.48
CA CYS G 83 42.40 19.66 26.64
C CYS G 83 41.02 20.22 26.97
N VAL G 84 40.89 20.66 28.20
CA VAL G 84 39.63 21.21 28.64
C VAL G 84 39.30 22.43 27.79
N GLY G 85 38.06 22.54 27.37
CA GLY G 85 37.59 23.58 26.47
C GLY G 85 37.74 23.20 25.00
N GLU G 86 38.46 22.13 24.67
CA GLU G 86 38.55 21.67 23.31
C GLU G 86 37.24 20.99 22.88
N LYS G 87 36.91 21.18 21.60
CA LYS G 87 35.75 20.55 21.01
C LYS G 87 36.18 19.87 19.73
N ARG G 88 35.78 18.62 19.57
CA ARG G 88 36.13 17.86 18.40
C ARG G 88 34.89 17.32 17.69
N LYS G 89 35.03 17.16 16.36
CA LYS G 89 34.10 16.38 15.55
C LYS G 89 34.79 15.08 15.19
N LEU G 90 34.15 13.96 15.50
CA LEU G 90 34.64 12.63 15.14
C LEU G 90 33.74 12.03 14.04
N ILE G 91 34.33 11.58 12.93
CA ILE G 91 33.60 10.81 11.95
C ILE G 91 34.07 9.38 12.16
N ILE G 92 33.14 8.50 12.53
CA ILE G 92 33.47 7.16 13.02
C ILE G 92 32.92 6.11 12.08
N PRO G 93 33.81 5.37 11.40
CA PRO G 93 33.32 4.27 10.52
C PRO G 93 32.64 3.18 11.34
N PRO G 94 31.75 2.39 10.75
CA PRO G 94 31.05 1.37 11.54
C PRO G 94 31.92 0.35 12.31
N ALA G 95 33.08 -0.05 11.77
CA ALA G 95 33.96 -0.96 12.52
C ALA G 95 34.43 -0.36 13.85
N LEU G 96 34.35 0.96 14.03
CA LEU G 96 34.71 1.61 15.29
C LEU G 96 33.51 2.18 15.99
N GLY G 97 32.34 1.85 15.48
CA GLY G 97 31.07 2.29 16.05
C GLY G 97 30.21 1.11 16.44
N TYR G 98 29.03 1.00 15.84
CA TYR G 98 28.09 -0.09 16.17
C TYR G 98 28.11 -1.23 15.16
N GLY G 99 29.07 -1.21 14.23
CA GLY G 99 29.37 -2.36 13.41
C GLY G 99 28.27 -2.92 12.50
N LYS G 100 28.39 -4.22 12.22
CA LYS G 100 27.42 -4.90 11.35
C LYS G 100 26.09 -5.08 12.11
N GLU G 101 26.14 -5.15 13.42
CA GLU G 101 24.92 -5.38 14.19
C GLU G 101 24.05 -4.13 14.23
N GLY G 102 24.68 -2.95 14.26
CA GLY G 102 23.99 -1.73 14.64
C GLY G 102 23.51 -1.87 16.07
N LYS G 103 22.62 -0.98 16.45
CA LYS G 103 22.03 -1.04 17.81
C LYS G 103 20.84 -0.11 17.80
N GLY G 104 19.65 -0.57 18.20
CA GLY G 104 18.47 0.32 18.33
C GLY G 104 18.24 1.19 17.10
N LYS G 105 18.34 2.52 17.23
CA LYS G 105 18.03 3.42 16.11
C LYS G 105 19.13 3.44 15.06
N ILE G 106 20.26 2.76 15.32
CA ILE G 106 21.42 2.82 14.45
C ILE G 106 21.47 1.57 13.58
N PRO G 107 21.33 1.75 12.26
CA PRO G 107 21.31 0.59 11.36
C PRO G 107 22.68 -0.07 11.27
N PRO G 108 22.73 -1.31 10.77
CA PRO G 108 24.02 -1.91 10.37
C PRO G 108 24.87 -1.01 9.46
N GLU G 109 26.20 -1.09 9.64
CA GLU G 109 27.16 -0.42 8.80
C GLU G 109 26.94 1.09 8.71
N SER G 110 26.62 1.71 9.84
CA SER G 110 26.42 3.17 9.89
C SER G 110 27.69 3.93 10.22
N THR G 111 28.05 4.90 9.37
CA THR G 111 29.08 5.88 9.74
C THR G 111 28.42 6.93 10.67
N LEU G 112 29.12 7.30 11.72
CA LEU G 112 28.60 8.19 12.78
C LEU G 112 29.36 9.49 12.83
N ILE G 113 28.67 10.55 13.19
CA ILE G 113 29.32 11.85 13.42
C ILE G 113 29.06 12.24 14.88
N PHE G 114 30.12 12.52 15.65
CA PHE G 114 29.96 13.00 17.02
C PHE G 114 30.60 14.38 17.15
N ASN G 115 29.90 15.30 17.80
CA ASN G 115 30.49 16.54 18.29
C ASN G 115 30.62 16.41 19.79
N ILE G 116 31.85 16.53 20.29
CA ILE G 116 32.15 16.19 21.66
C ILE G 116 32.93 17.37 22.25
N ASP G 117 32.45 17.85 23.38
CA ASP G 117 33.06 18.98 24.10
C ASP G 117 33.66 18.50 25.42
N LEU G 118 34.93 18.79 25.68
CA LEU G 118 35.59 18.37 26.94
C LEU G 118 35.47 19.47 27.99
N LEU G 119 34.81 19.14 29.12
CA LEU G 119 34.58 20.08 30.18
C LEU G 119 35.54 19.96 31.39
N GLU G 120 36.05 18.73 31.62
CA GLU G 120 36.90 18.48 32.78
C GLU G 120 37.67 17.19 32.58
N ILE G 121 38.87 17.14 33.17
CA ILE G 121 39.68 15.92 33.26
C ILE G 121 39.98 15.62 34.74
N ARG G 122 39.82 14.35 35.13
CA ARG G 122 40.20 13.88 36.47
C ARG G 122 40.97 12.59 36.39
N ASN G 123 41.81 12.36 37.38
CA ASN G 123 42.51 11.08 37.49
C ASN G 123 41.48 9.96 37.62
N GLY G 124 41.74 8.86 36.95
CA GLY G 124 40.89 7.67 37.01
C GLY G 124 41.34 6.76 38.12
N PRO G 125 40.47 5.79 38.52
CA PRO G 125 40.77 5.05 39.73
C PRO G 125 40.97 3.56 39.51
N GLY H 6 -20.52 -26.62 -16.35
CA GLY H 6 -20.39 -25.80 -15.09
C GLY H 6 -19.47 -24.58 -15.09
N ALA H 7 -18.38 -24.63 -15.85
CA ALA H 7 -17.40 -23.54 -15.81
C ALA H 7 -18.00 -22.17 -16.19
N LEU H 8 -19.04 -22.19 -17.02
CA LEU H 8 -19.63 -20.98 -17.57
C LEU H 8 -20.83 -20.53 -16.81
N ILE H 9 -21.12 -21.17 -15.67
CA ILE H 9 -22.27 -20.81 -14.86
C ILE H 9 -21.79 -19.91 -13.72
N PRO H 10 -22.25 -18.66 -13.69
CA PRO H 10 -21.77 -17.77 -12.63
C PRO H 10 -22.51 -18.04 -11.32
N GLU H 11 -21.94 -17.59 -10.23
CA GLU H 11 -22.61 -17.65 -8.97
C GLU H 11 -23.78 -16.68 -8.97
N PRO H 12 -24.91 -17.05 -8.32
CA PRO H 12 -26.02 -16.11 -8.18
C PRO H 12 -25.55 -14.85 -7.52
N GLU H 13 -26.08 -13.72 -7.98
CA GLU H 13 -25.58 -12.45 -7.48
C GLU H 13 -26.64 -11.38 -7.45
N VAL H 14 -26.63 -10.58 -6.41
CA VAL H 14 -27.54 -9.45 -6.29
C VAL H 14 -27.05 -8.26 -7.12
N LYS H 15 -27.96 -7.47 -7.64
CA LYS H 15 -27.59 -6.14 -8.19
C LYS H 15 -27.76 -5.12 -7.06
N ILE H 16 -26.72 -4.33 -6.83
CA ILE H 16 -26.72 -3.32 -5.77
C ILE H 16 -26.69 -1.95 -6.41
N GLU H 17 -27.67 -1.11 -6.11
CA GLU H 17 -27.66 0.29 -6.57
C GLU H 17 -27.65 1.18 -5.32
N VAL H 18 -26.69 2.11 -5.25
CA VAL H 18 -26.64 3.04 -4.13
C VAL H 18 -27.55 4.22 -4.46
N LEU H 19 -28.63 4.38 -3.71
CA LEU H 19 -29.60 5.45 -3.96
C LEU H 19 -29.17 6.76 -3.29
N GLN H 20 -28.58 6.66 -2.10
CA GLN H 20 -28.15 7.82 -1.33
C GLN H 20 -26.92 7.43 -0.54
N LYS H 21 -25.92 8.31 -0.49
CA LYS H 21 -24.75 8.04 0.34
C LYS H 21 -24.29 9.37 0.90
N PRO H 22 -24.16 9.48 2.21
CA PRO H 22 -23.74 10.76 2.77
C PRO H 22 -22.30 11.06 2.42
N PHE H 23 -21.98 12.36 2.40
CA PHE H 23 -20.63 12.80 2.05
C PHE H 23 -19.63 12.27 3.08
N ILE H 24 -20.02 12.20 4.35
CA ILE H 24 -19.20 11.61 5.41
C ILE H 24 -19.64 10.15 5.56
N CYS H 25 -18.72 9.23 5.31
CA CYS H 25 -19.07 7.81 5.20
C CYS H 25 -17.84 7.05 5.64
N HIS H 26 -17.80 6.77 6.95
CA HIS H 26 -16.60 6.35 7.65
C HIS H 26 -16.78 4.91 7.98
N ARG H 27 -17.44 4.64 9.09
CA ARG H 27 -17.61 3.22 9.53
C ARG H 27 -18.48 2.53 8.51
N LYS H 28 -18.02 1.36 8.05
CA LYS H 28 -18.75 0.58 7.08
C LYS H 28 -19.06 -0.81 7.64
N THR H 29 -20.22 -1.36 7.26
CA THR H 29 -20.67 -2.62 7.83
C THR H 29 -19.79 -3.79 7.42
N LYS H 30 -19.64 -4.72 8.37
CA LYS H 30 -18.84 -5.92 8.17
C LYS H 30 -19.57 -7.05 8.84
N GLY H 31 -19.14 -8.27 8.57
CA GLY H 31 -19.79 -9.44 9.12
C GLY H 31 -19.87 -9.40 10.64
N GLY H 32 -21.05 -9.70 11.17
CA GLY H 32 -21.28 -9.66 12.61
C GLY H 32 -21.83 -8.36 13.17
N ASP H 33 -21.73 -7.26 12.42
CA ASP H 33 -22.33 -5.99 12.80
C ASP H 33 -23.86 -6.09 12.88
N LEU H 34 -24.42 -5.36 13.85
CA LEU H 34 -25.85 -5.13 13.97
C LEU H 34 -26.20 -3.88 13.18
N MET H 35 -27.22 -3.99 12.32
CA MET H 35 -27.64 -2.93 11.45
C MET H 35 -29.10 -2.59 11.74
N LEU H 36 -29.36 -1.32 12.02
CA LEU H 36 -30.73 -0.86 12.22
C LEU H 36 -31.23 -0.33 10.87
N VAL H 37 -32.24 -0.98 10.31
CA VAL H 37 -32.73 -0.58 8.98
C VAL H 37 -34.23 -0.41 8.88
N HIS H 38 -34.63 0.49 7.97
CA HIS H 38 -35.98 0.49 7.40
C HIS H 38 -35.89 -0.15 6.04
N TYR H 39 -36.94 -0.83 5.64
CA TYR H 39 -36.96 -1.42 4.28
C TYR H 39 -38.35 -1.55 3.73
N GLU H 40 -38.41 -1.67 2.39
CA GLU H 40 -39.62 -2.02 1.67
C GLU H 40 -39.21 -3.06 0.69
N GLY H 41 -39.96 -4.16 0.66
CA GLY H 41 -39.66 -5.27 -0.24
C GLY H 41 -40.83 -5.44 -1.21
N TYR H 42 -40.49 -5.54 -2.48
CA TYR H 42 -41.43 -5.67 -3.56
C TYR H 42 -41.08 -6.86 -4.44
N LEU H 43 -42.09 -7.42 -5.07
CA LEU H 43 -41.90 -8.43 -6.05
C LEU H 43 -41.66 -7.77 -7.37
N GLU H 44 -40.61 -8.19 -8.06
CA GLU H 44 -40.30 -7.58 -9.35
C GLU H 44 -41.35 -7.92 -10.38
N LYS H 45 -41.93 -9.11 -10.30
CA LYS H 45 -42.84 -9.58 -11.33
C LYS H 45 -44.11 -8.75 -11.48
N ASP H 46 -44.79 -8.46 -10.36
CA ASP H 46 -45.99 -7.66 -10.41
C ASP H 46 -45.87 -6.29 -9.72
N GLY H 47 -44.70 -6.01 -9.15
CA GLY H 47 -44.45 -4.70 -8.54
C GLY H 47 -44.99 -4.56 -7.14
N SER H 48 -45.64 -5.61 -6.64
CA SER H 48 -46.40 -5.47 -5.41
C SER H 48 -45.48 -5.42 -4.18
N LEU H 49 -45.89 -4.62 -3.17
CA LEU H 49 -45.22 -4.62 -1.89
C LEU H 49 -45.55 -5.92 -1.10
N PHE H 50 -44.54 -6.67 -0.66
CA PHE H 50 -44.84 -7.85 0.16
C PHE H 50 -44.54 -7.61 1.63
N HIS H 51 -43.64 -6.70 1.95
CA HIS H 51 -43.30 -6.44 3.35
C HIS H 51 -42.58 -5.14 3.50
N SER H 52 -42.87 -4.40 4.55
CA SER H 52 -42.09 -3.26 4.90
C SER H 52 -42.12 -3.00 6.39
N THR H 53 -41.07 -2.36 6.89
CA THR H 53 -41.07 -1.93 8.27
C THR H 53 -42.16 -0.88 8.51
N HIS H 54 -42.36 0.00 7.54
CA HIS H 54 -43.37 1.07 7.66
C HIS H 54 -44.77 0.54 7.82
N LYS H 55 -45.15 -0.44 7.00
CA LYS H 55 -46.47 -1.03 7.01
C LYS H 55 -46.65 -2.22 7.95
N HIS H 56 -45.68 -3.11 8.02
CA HIS H 56 -45.81 -4.33 8.79
C HIS H 56 -45.12 -4.35 10.14
N ASN H 57 -44.36 -3.33 10.46
CA ASN H 57 -43.73 -3.25 11.78
C ASN H 57 -44.08 -1.97 12.52
N ASN H 58 -45.31 -1.50 12.35
CA ASN H 58 -45.81 -0.34 13.10
C ASN H 58 -44.96 0.90 12.88
N GLY H 59 -44.37 1.01 11.70
CA GLY H 59 -43.52 2.14 11.38
C GLY H 59 -42.12 2.10 11.96
N GLN H 60 -41.74 1.02 12.63
CA GLN H 60 -40.46 0.95 13.33
C GLN H 60 -39.42 0.17 12.53
N PRO H 61 -38.15 0.62 12.58
CA PRO H 61 -37.08 -0.14 11.96
C PRO H 61 -36.76 -1.43 12.71
N ILE H 62 -35.98 -2.32 12.07
CA ILE H 62 -35.62 -3.63 12.62
C ILE H 62 -34.09 -3.74 12.68
N TRP H 63 -33.61 -4.51 13.64
CA TRP H 63 -32.20 -4.84 13.72
C TRP H 63 -31.91 -6.10 12.93
N PHE H 64 -30.86 -6.04 12.13
CA PHE H 64 -30.38 -7.15 11.29
C PHE H 64 -28.89 -7.38 11.54
N THR H 65 -28.50 -8.63 11.78
CA THR H 65 -27.08 -8.99 11.94
C THR H 65 -26.55 -9.42 10.59
N LEU H 66 -25.53 -8.72 10.13
CA LEU H 66 -24.96 -9.00 8.80
C LEU H 66 -24.07 -10.25 8.84
N GLY H 67 -24.20 -11.07 7.81
CA GLY H 67 -23.22 -12.10 7.53
C GLY H 67 -23.36 -13.42 8.27
N ILE H 68 -24.52 -13.70 8.84
CA ILE H 68 -24.74 -14.93 9.57
C ILE H 68 -25.96 -15.67 8.98
N LEU H 69 -26.38 -15.28 7.78
CA LEU H 69 -27.57 -15.84 7.14
C LEU H 69 -28.81 -15.80 8.06
N GLU H 70 -28.98 -14.65 8.71
CA GLU H 70 -30.10 -14.38 9.59
C GLU H 70 -31.38 -14.19 8.81
N ALA H 71 -31.24 -13.67 7.58
CA ALA H 71 -32.39 -13.32 6.74
C ALA H 71 -32.18 -13.97 5.36
N LEU H 72 -32.33 -13.20 4.28
CA LEU H 72 -32.12 -13.71 2.91
C LEU H 72 -30.64 -13.71 2.57
N LYS H 73 -30.20 -14.67 1.77
CA LYS H 73 -28.80 -14.66 1.32
C LYS H 73 -28.46 -13.35 0.63
N GLY H 74 -29.42 -12.79 -0.10
CA GLY H 74 -29.23 -11.54 -0.82
C GLY H 74 -28.93 -10.36 0.06
N TRP H 75 -29.50 -10.34 1.25
CA TRP H 75 -29.19 -9.35 2.23
C TRP H 75 -27.74 -9.42 2.65
N ASP H 76 -27.24 -10.63 2.88
CA ASP H 76 -25.83 -10.81 3.27
C ASP H 76 -24.91 -10.32 2.13
N GLN H 77 -25.30 -10.58 0.88
CA GLN H 77 -24.50 -10.18 -0.27
C GLN H 77 -24.58 -8.69 -0.53
N GLY H 78 -25.71 -8.08 -0.20
CA GLY H 78 -26.00 -6.72 -0.64
C GLY H 78 -25.80 -5.61 0.37
N LEU H 79 -25.48 -5.94 1.63
CA LEU H 79 -25.49 -4.96 2.69
C LEU H 79 -24.11 -4.82 3.38
N LYS H 80 -23.07 -5.29 2.71
CA LYS H 80 -21.70 -5.11 3.20
C LYS H 80 -21.16 -3.73 2.83
N GLY H 81 -20.26 -3.22 3.66
CA GLY H 81 -19.54 -1.99 3.33
C GLY H 81 -20.42 -0.75 3.29
N MET H 82 -21.49 -0.78 4.05
CA MET H 82 -22.54 0.25 4.03
C MET H 82 -22.35 1.20 5.21
N CYS H 83 -22.55 2.49 4.98
CA CYS H 83 -22.44 3.48 6.03
C CYS H 83 -23.80 4.02 6.46
N VAL H 84 -23.82 4.53 7.70
CA VAL H 84 -25.03 5.05 8.25
C VAL H 84 -25.49 6.21 7.37
N GLY H 85 -26.80 6.26 7.06
CA GLY H 85 -27.36 7.23 6.16
C GLY H 85 -27.43 6.75 4.71
N GLU H 86 -26.74 5.67 4.40
CA GLU H 86 -26.75 5.12 3.06
C GLU H 86 -28.07 4.42 2.79
N LYS H 87 -28.52 4.49 1.55
CA LYS H 87 -29.72 3.77 1.11
C LYS H 87 -29.35 2.99 -0.11
N ARG H 88 -29.72 1.69 -0.14
CA ARG H 88 -29.49 0.87 -1.31
C ARG H 88 -30.77 0.27 -1.84
N LYS H 89 -30.78 0.06 -3.15
CA LYS H 89 -31.75 -0.81 -3.80
C LYS H 89 -31.04 -2.14 -4.13
N LEU H 90 -31.61 -3.24 -3.67
CA LEU H 90 -31.12 -4.57 -3.99
C LEU H 90 -32.11 -5.25 -4.95
N ILE H 91 -31.62 -5.80 -6.05
CA ILE H 91 -32.42 -6.64 -6.91
C ILE H 91 -31.89 -8.07 -6.67
N ILE H 92 -32.71 -8.90 -6.11
CA ILE H 92 -32.30 -10.21 -5.56
C ILE H 92 -32.95 -11.31 -6.39
N PRO H 93 -32.14 -12.12 -7.10
CA PRO H 93 -32.68 -13.30 -7.80
C PRO H 93 -33.21 -14.32 -6.79
N PRO H 94 -34.19 -15.14 -7.21
CA PRO H 94 -34.80 -16.10 -6.30
C PRO H 94 -33.84 -17.04 -5.55
N ALA H 95 -32.73 -17.41 -6.16
CA ALA H 95 -31.73 -18.23 -5.45
C ALA H 95 -31.16 -17.58 -4.21
N LEU H 96 -31.21 -16.25 -4.16
CA LEU H 96 -30.74 -15.49 -2.98
C LEU H 96 -31.89 -14.89 -2.21
N GLY H 97 -33.09 -15.34 -2.55
CA GLY H 97 -34.33 -14.86 -1.91
C GLY H 97 -35.09 -16.04 -1.33
N TYR H 98 -36.32 -16.23 -1.78
CA TYR H 98 -37.21 -17.30 -1.29
C TYR H 98 -37.28 -18.49 -2.24
N GLY H 99 -36.44 -18.48 -3.27
CA GLY H 99 -36.16 -19.69 -4.03
C GLY H 99 -37.29 -20.27 -4.80
N LYS H 100 -37.15 -21.58 -5.09
CA LYS H 100 -38.18 -22.36 -5.79
C LYS H 100 -39.36 -22.62 -4.87
N GLU H 101 -39.12 -22.59 -3.56
CA GLU H 101 -40.20 -22.82 -2.61
C GLU H 101 -41.18 -21.64 -2.51
N GLY H 102 -40.67 -20.42 -2.63
CA GLY H 102 -41.37 -19.24 -2.18
C GLY H 102 -41.66 -19.32 -0.68
N LYS H 103 -42.55 -18.47 -0.21
CA LYS H 103 -42.89 -18.51 1.19
C LYS H 103 -44.25 -17.87 1.35
N GLY H 104 -45.23 -18.64 1.85
CA GLY H 104 -46.60 -18.17 1.90
C GLY H 104 -47.00 -17.51 0.60
N LYS H 105 -47.40 -16.25 0.66
CA LYS H 105 -47.95 -15.56 -0.48
C LYS H 105 -46.87 -15.12 -1.51
N ILE H 106 -45.59 -15.33 -1.17
CA ILE H 106 -44.50 -14.99 -2.10
C ILE H 106 -44.30 -16.18 -3.00
N PRO H 107 -44.58 -16.02 -4.32
CA PRO H 107 -44.50 -17.17 -5.19
C PRO H 107 -43.11 -17.74 -5.44
N PRO H 108 -43.04 -19.00 -5.91
CA PRO H 108 -41.79 -19.54 -6.42
C PRO H 108 -41.11 -18.63 -7.46
N GLU H 109 -39.79 -18.66 -7.45
CA GLU H 109 -38.94 -18.02 -8.47
C GLU H 109 -39.18 -16.54 -8.58
N SER H 110 -39.40 -15.90 -7.44
CA SER H 110 -39.67 -14.46 -7.44
C SER H 110 -38.33 -13.69 -7.30
N THR H 111 -38.09 -12.79 -8.25
CA THR H 111 -37.06 -11.78 -8.08
C THR H 111 -37.61 -10.71 -7.17
N LEU H 112 -36.78 -10.25 -6.23
CA LEU H 112 -37.22 -9.31 -5.23
C LEU H 112 -36.49 -8.00 -5.39
N ILE H 113 -37.16 -6.91 -5.04
CA ILE H 113 -36.55 -5.58 -4.97
C ILE H 113 -36.69 -5.04 -3.55
N PHE H 114 -35.57 -4.71 -2.92
CA PHE H 114 -35.62 -4.13 -1.61
C PHE H 114 -35.01 -2.75 -1.69
N ASN H 115 -35.67 -1.77 -1.06
CA ASN H 115 -35.05 -0.49 -0.76
C ASN H 115 -34.80 -0.48 0.72
N ILE H 116 -33.53 -0.34 1.08
CA ILE H 116 -33.08 -0.55 2.46
C ILE H 116 -32.28 0.68 2.88
N ASP H 117 -32.67 1.26 4.01
CA ASP H 117 -32.05 2.47 4.56
C ASP H 117 -31.34 2.11 5.85
N LEU H 118 -30.05 2.45 5.97
CA LEU H 118 -29.27 2.14 7.18
C LEU H 118 -29.28 3.29 8.17
N LEU H 119 -29.82 3.06 9.37
CA LEU H 119 -29.98 4.07 10.39
C LEU H 119 -28.90 4.07 11.47
N GLU H 120 -28.34 2.92 11.77
CA GLU H 120 -27.35 2.76 12.85
C GLU H 120 -26.56 1.49 12.68
N ILE H 121 -25.29 1.52 13.09
CA ILE H 121 -24.42 0.33 13.14
C ILE H 121 -23.98 0.15 14.58
N ARG H 122 -24.07 -1.09 15.09
CA ARG H 122 -23.49 -1.43 16.37
C ARG H 122 -22.64 -2.67 16.27
N ASN H 123 -21.69 -2.79 17.19
CA ASN H 123 -20.94 -4.03 17.37
C ASN H 123 -21.90 -5.18 17.69
N GLY H 124 -21.63 -6.37 17.13
CA GLY H 124 -22.41 -7.57 17.47
C GLY H 124 -21.81 -8.30 18.66
N SER I 4 -23.05 10.89 -10.73
CA SER I 4 -23.86 10.36 -11.86
C SER I 4 -25.24 9.89 -11.40
N MET I 5 -26.25 10.35 -12.14
CA MET I 5 -27.64 9.89 -12.06
C MET I 5 -27.84 8.62 -12.91
N GLY I 6 -28.76 7.77 -12.46
CA GLY I 6 -29.13 6.50 -13.11
C GLY I 6 -29.42 6.59 -14.60
N ALA I 7 -30.01 7.68 -15.05
CA ALA I 7 -30.34 7.87 -16.48
C ALA I 7 -29.07 7.82 -17.36
N LEU I 8 -27.91 8.18 -16.79
CA LEU I 8 -26.66 8.27 -17.52
C LEU I 8 -25.81 7.03 -17.42
N ILE I 9 -26.32 6.00 -16.76
CA ILE I 9 -25.63 4.74 -16.64
C ILE I 9 -26.17 3.82 -17.73
N PRO I 10 -25.32 3.45 -18.70
CA PRO I 10 -25.81 2.58 -19.74
C PRO I 10 -26.04 1.17 -19.24
N GLU I 11 -26.90 0.42 -19.92
CA GLU I 11 -27.04 -1.00 -19.65
C GLU I 11 -25.76 -1.73 -20.02
N PRO I 12 -25.39 -2.71 -19.20
CA PRO I 12 -24.18 -3.46 -19.54
C PRO I 12 -24.32 -4.06 -20.91
N GLU I 13 -23.22 -4.09 -21.67
CA GLU I 13 -23.27 -4.54 -23.02
C GLU I 13 -21.97 -5.20 -23.42
N VAL I 14 -22.04 -6.27 -24.18
CA VAL I 14 -20.87 -6.94 -24.72
C VAL I 14 -20.36 -6.23 -25.98
N LYS I 15 -19.06 -6.19 -26.20
CA LYS I 15 -18.50 -5.80 -27.48
C LYS I 15 -18.28 -7.05 -28.34
N ILE I 16 -18.80 -7.02 -29.54
CA ILE I 16 -18.75 -8.17 -30.43
C ILE I 16 -17.83 -7.82 -31.59
N GLU I 17 -16.81 -8.62 -31.84
CA GLU I 17 -15.95 -8.46 -33.04
C GLU I 17 -16.03 -9.73 -33.85
N VAL I 18 -16.30 -9.61 -35.14
CA VAL I 18 -16.35 -10.78 -35.99
C VAL I 18 -14.92 -11.02 -36.49
N LEU I 19 -14.31 -12.13 -36.08
CA LEU I 19 -12.93 -12.47 -36.50
C LEU I 19 -12.90 -13.17 -37.84
N GLN I 20 -13.90 -14.02 -38.08
CA GLN I 20 -14.00 -14.78 -39.33
C GLN I 20 -15.46 -14.93 -39.65
N LYS I 21 -15.82 -14.71 -40.91
CA LYS I 21 -17.19 -14.94 -41.32
C LYS I 21 -17.15 -15.48 -42.72
N PRO I 22 -17.73 -16.66 -42.93
CA PRO I 22 -17.76 -17.14 -44.30
C PRO I 22 -18.63 -16.29 -45.20
N PHE I 23 -18.31 -16.34 -46.48
CA PHE I 23 -19.08 -15.56 -47.44
C PHE I 23 -20.51 -16.10 -47.53
N ILE I 24 -20.68 -17.41 -47.44
CA ILE I 24 -22.00 -17.99 -47.49
C ILE I 24 -22.57 -18.07 -46.09
N CYS I 25 -23.82 -17.68 -45.95
CA CYS I 25 -24.54 -17.93 -44.71
C CYS I 25 -25.98 -18.28 -45.00
N HIS I 26 -26.38 -19.50 -44.71
CA HIS I 26 -27.77 -19.85 -44.93
C HIS I 26 -28.67 -19.75 -43.74
N ARG I 27 -28.11 -19.83 -42.53
CA ARG I 27 -28.87 -19.91 -41.29
C ARG I 27 -28.12 -19.17 -40.19
N LYS I 28 -28.84 -18.36 -39.42
CA LYS I 28 -28.25 -17.60 -38.35
C LYS I 28 -28.90 -17.99 -37.03
N THR I 29 -28.12 -17.97 -35.96
CA THR I 29 -28.63 -18.43 -34.67
C THR I 29 -29.74 -17.50 -34.13
N LYS I 30 -30.71 -18.11 -33.46
CA LYS I 30 -31.82 -17.42 -32.81
C LYS I 30 -32.06 -18.09 -31.48
N GLY I 31 -32.86 -17.46 -30.62
CA GLY I 31 -33.14 -18.01 -29.31
C GLY I 31 -33.70 -19.42 -29.36
N GLY I 32 -33.18 -20.31 -28.53
CA GLY I 32 -33.59 -21.72 -28.49
C GLY I 32 -32.80 -22.65 -29.39
N ASP I 33 -32.02 -22.10 -30.33
CA ASP I 33 -31.11 -22.93 -31.14
C ASP I 33 -30.04 -23.58 -30.27
N LEU I 34 -29.68 -24.80 -30.67
CA LEU I 34 -28.52 -25.50 -30.16
C LEU I 34 -27.31 -25.15 -31.03
N MET I 35 -26.23 -24.75 -30.37
CA MET I 35 -25.01 -24.29 -31.04
C MET I 35 -23.85 -25.17 -30.60
N LEU I 36 -23.16 -25.74 -31.58
CA LEU I 36 -21.94 -26.53 -31.28
C LEU I 36 -20.74 -25.63 -31.41
N VAL I 37 -20.07 -25.37 -30.28
CA VAL I 37 -18.99 -24.35 -30.27
C VAL I 37 -17.69 -24.82 -29.64
N HIS I 38 -16.60 -24.28 -30.14
CA HIS I 38 -15.31 -24.27 -29.45
C HIS I 38 -15.14 -22.87 -28.89
N TYR I 39 -14.47 -22.77 -27.74
CA TYR I 39 -14.16 -21.46 -27.19
C TYR I 39 -12.90 -21.44 -26.35
N GLU I 40 -12.34 -20.25 -26.21
CA GLU I 40 -11.29 -19.96 -25.25
C GLU I 40 -11.73 -18.72 -24.52
N GLY I 41 -11.62 -18.75 -23.20
CA GLY I 41 -11.94 -17.60 -22.37
C GLY I 41 -10.71 -17.12 -21.60
N TYR I 42 -10.46 -15.83 -21.69
CA TYR I 42 -9.31 -15.19 -21.07
C TYR I 42 -9.73 -14.00 -20.22
N LEU I 43 -8.92 -13.67 -19.22
CA LEU I 43 -9.15 -12.46 -18.46
C LEU I 43 -8.55 -11.31 -19.23
N GLU I 44 -9.32 -10.26 -19.40
CA GLU I 44 -8.80 -9.08 -20.08
C GLU I 44 -7.61 -8.45 -19.35
N LYS I 45 -7.66 -8.43 -18.02
CA LYS I 45 -6.67 -7.69 -17.24
C LYS I 45 -5.24 -8.24 -17.41
N ASP I 46 -5.05 -9.55 -17.30
CA ASP I 46 -3.70 -10.13 -17.41
C ASP I 46 -3.54 -11.06 -18.59
N GLY I 47 -4.60 -11.23 -19.38
CA GLY I 47 -4.53 -12.03 -20.60
C GLY I 47 -4.57 -13.53 -20.33
N SER I 48 -4.73 -13.95 -19.07
CA SER I 48 -4.59 -15.36 -18.72
C SER I 48 -5.79 -16.18 -19.19
N LEU I 49 -5.54 -17.42 -19.61
CA LEU I 49 -6.63 -18.34 -20.01
C LEU I 49 -7.29 -18.92 -18.78
N PHE I 50 -8.61 -18.79 -18.67
CA PHE I 50 -9.30 -19.42 -17.56
C PHE I 50 -10.09 -20.68 -17.93
N HIS I 51 -10.53 -20.80 -19.18
CA HIS I 51 -11.24 -22.02 -19.61
C HIS I 51 -11.25 -22.11 -21.10
N SER I 52 -11.05 -23.33 -21.63
CA SER I 52 -11.27 -23.56 -23.04
C SER I 52 -11.74 -24.97 -23.30
N THR I 53 -12.47 -25.15 -24.38
CA THR I 53 -12.84 -26.49 -24.79
C THR I 53 -11.58 -27.31 -25.09
N HIS I 54 -10.62 -26.65 -25.74
CA HIS I 54 -9.39 -27.33 -26.17
C HIS I 54 -8.65 -27.92 -25.01
N LYS I 55 -8.48 -27.15 -23.94
CA LYS I 55 -7.72 -27.56 -22.78
C LYS I 55 -8.55 -28.27 -21.71
N HIS I 56 -9.78 -27.82 -21.47
CA HIS I 56 -10.59 -28.36 -20.36
C HIS I 56 -11.71 -29.27 -20.75
N ASN I 57 -11.96 -29.45 -22.05
CA ASN I 57 -12.93 -30.44 -22.50
C ASN I 57 -12.31 -31.51 -23.43
N ASN I 58 -11.06 -31.88 -23.18
CA ASN I 58 -10.38 -32.95 -23.94
C ASN I 58 -10.33 -32.66 -25.45
N GLY I 59 -10.26 -31.38 -25.80
CA GLY I 59 -10.24 -30.96 -27.19
C GLY I 59 -11.56 -30.97 -27.93
N GLN I 60 -12.64 -31.28 -27.25
CA GLN I 60 -13.94 -31.40 -27.91
C GLN I 60 -14.81 -30.16 -27.72
N PRO I 61 -15.65 -29.85 -28.73
CA PRO I 61 -16.58 -28.72 -28.61
C PRO I 61 -17.77 -29.09 -27.71
N ILE I 62 -18.59 -28.10 -27.39
CA ILE I 62 -19.75 -28.27 -26.51
C ILE I 62 -20.99 -27.75 -27.20
N TRP I 63 -22.15 -28.30 -26.78
CA TRP I 63 -23.44 -27.78 -27.18
C TRP I 63 -23.94 -26.76 -26.22
N PHE I 64 -24.36 -25.63 -26.75
CA PHE I 64 -24.85 -24.47 -25.98
C PHE I 64 -26.22 -24.11 -26.53
N THR I 65 -27.19 -23.96 -25.64
CA THR I 65 -28.50 -23.47 -26.04
C THR I 65 -28.52 -21.95 -25.88
N LEU I 66 -28.78 -21.24 -27.00
CA LEU I 66 -28.84 -19.79 -26.99
C LEU I 66 -30.13 -19.28 -26.34
N GLY I 67 -30.00 -18.28 -25.49
CA GLY I 67 -31.15 -17.47 -25.11
C GLY I 67 -31.94 -17.98 -23.93
N ILE I 68 -31.38 -18.88 -23.13
CA ILE I 68 -32.08 -19.40 -21.95
C ILE I 68 -31.20 -19.23 -20.69
N LEU I 69 -30.20 -18.35 -20.78
CA LEU I 69 -29.30 -18.08 -19.66
C LEU I 69 -28.69 -19.38 -19.14
N GLU I 70 -28.29 -20.23 -20.06
CA GLU I 70 -27.60 -21.48 -19.77
C GLU I 70 -26.16 -21.23 -19.26
N ALA I 71 -25.57 -20.16 -19.72
CA ALA I 71 -24.18 -19.87 -19.40
C ALA I 71 -24.06 -18.44 -18.85
N LEU I 72 -23.15 -17.66 -19.39
CA LEU I 72 -23.00 -16.25 -19.03
C LEU I 72 -24.05 -15.40 -19.76
N LYS I 73 -24.52 -14.33 -19.12
CA LYS I 73 -25.42 -13.42 -19.82
C LYS I 73 -24.80 -12.88 -21.11
N GLY I 74 -23.48 -12.63 -21.07
CA GLY I 74 -22.74 -12.12 -22.21
C GLY I 74 -22.78 -13.04 -23.43
N TRP I 75 -22.85 -14.34 -23.19
CA TRP I 75 -23.01 -15.30 -24.28
C TRP I 75 -24.33 -15.15 -24.96
N ASP I 76 -25.40 -15.03 -24.19
CA ASP I 76 -26.71 -14.81 -24.77
C ASP I 76 -26.75 -13.50 -25.57
N GLN I 77 -26.07 -12.44 -25.07
CA GLN I 77 -26.04 -11.15 -25.80
C GLN I 77 -25.14 -11.17 -27.02
N GLY I 78 -24.09 -11.97 -26.98
CA GLY I 78 -23.04 -11.93 -28.01
C GLY I 78 -23.07 -12.97 -29.12
N LEU I 79 -23.97 -13.96 -29.04
CA LEU I 79 -23.95 -15.12 -29.94
C LEU I 79 -25.23 -15.26 -30.78
N LYS I 80 -26.01 -14.17 -30.87
CA LYS I 80 -27.17 -14.12 -31.76
C LYS I 80 -26.79 -13.78 -33.19
N GLY I 81 -27.54 -14.31 -34.14
CA GLY I 81 -27.33 -13.99 -35.53
C GLY I 81 -26.02 -14.46 -36.10
N MET I 82 -25.51 -15.56 -35.54
CA MET I 82 -24.23 -16.13 -35.93
C MET I 82 -24.43 -17.29 -36.93
N CYS I 83 -23.51 -17.40 -37.89
CA CYS I 83 -23.50 -18.46 -38.91
CA CYS I 83 -23.52 -18.47 -38.90
C CYS I 83 -22.44 -19.52 -38.68
N VAL I 84 -22.69 -20.72 -39.18
CA VAL I 84 -21.74 -21.82 -39.09
C VAL I 84 -20.46 -21.37 -39.83
N GLY I 85 -19.31 -21.59 -39.18
CA GLY I 85 -18.03 -21.12 -39.69
C GLY I 85 -17.60 -19.75 -39.16
N GLU I 86 -18.52 -19.03 -38.53
CA GLU I 86 -18.22 -17.72 -37.97
C GLU I 86 -17.41 -17.88 -36.69
N LYS I 87 -16.47 -16.96 -36.47
CA LYS I 87 -15.70 -16.90 -35.24
C LYS I 87 -15.88 -15.48 -34.69
N ARG I 88 -16.27 -15.36 -33.41
CA ARG I 88 -16.43 -14.05 -32.78
C ARG I 88 -15.52 -13.92 -31.59
N LYS I 89 -15.08 -12.69 -31.35
CA LYS I 89 -14.47 -12.30 -30.10
C LYS I 89 -15.55 -11.50 -29.31
N LEU I 90 -15.80 -11.91 -28.07
CA LEU I 90 -16.67 -11.18 -27.17
C LEU I 90 -15.86 -10.56 -26.07
N ILE I 91 -16.05 -9.26 -25.82
CA ILE I 91 -15.46 -8.61 -24.64
C ILE I 91 -16.61 -8.35 -23.68
N ILE I 92 -16.59 -9.06 -22.55
CA ILE I 92 -17.76 -9.19 -21.69
C ILE I 92 -17.47 -8.50 -20.38
N PRO I 93 -18.25 -7.46 -20.06
CA PRO I 93 -18.05 -6.75 -18.80
C PRO I 93 -18.53 -7.62 -17.64
N PRO I 94 -18.00 -7.40 -16.45
CA PRO I 94 -18.36 -8.30 -15.36
C PRO I 94 -19.86 -8.51 -15.07
N ALA I 95 -20.68 -7.50 -15.24
CA ALA I 95 -22.11 -7.64 -15.00
C ALA I 95 -22.76 -8.66 -15.94
N LEU I 96 -22.11 -8.95 -17.06
CA LEU I 96 -22.60 -9.98 -17.97
C LEU I 96 -21.72 -11.22 -17.91
N GLY I 97 -20.83 -11.25 -16.93
CA GLY I 97 -19.90 -12.41 -16.73
C GLY I 97 -20.06 -12.99 -15.33
N TYR I 98 -19.00 -12.94 -14.53
CA TYR I 98 -19.02 -13.52 -13.18
C TYR I 98 -19.18 -12.47 -12.07
N GLY I 99 -19.41 -11.22 -12.46
CA GLY I 99 -19.85 -10.18 -11.53
C GLY I 99 -18.89 -9.87 -10.40
N LYS I 100 -19.48 -9.41 -9.32
CA LYS I 100 -18.69 -9.00 -8.13
C LYS I 100 -18.20 -10.22 -7.41
N GLU I 101 -18.89 -11.36 -7.56
CA GLU I 101 -18.47 -12.56 -6.87
C GLU I 101 -17.20 -13.14 -7.47
N GLY I 102 -17.06 -13.03 -8.79
CA GLY I 102 -16.04 -13.81 -9.50
C GLY I 102 -16.29 -15.30 -9.30
N LYS I 103 -15.31 -16.09 -9.69
CA LYS I 103 -15.44 -17.54 -9.57
C LYS I 103 -14.12 -18.17 -9.88
N GLY I 104 -13.59 -19.03 -9.03
CA GLY I 104 -12.36 -19.74 -9.33
C GLY I 104 -11.28 -18.81 -9.84
N LYS I 105 -10.84 -19.00 -11.07
CA LYS I 105 -9.67 -18.23 -11.57
C LYS I 105 -10.03 -16.81 -11.92
N ILE I 106 -11.30 -16.44 -11.79
CA ILE I 106 -11.80 -15.15 -12.22
C ILE I 106 -12.04 -14.27 -11.00
N PRO I 107 -11.22 -13.23 -10.83
CA PRO I 107 -11.41 -12.34 -9.69
C PRO I 107 -12.72 -11.55 -9.82
N PRO I 108 -13.15 -10.88 -8.74
CA PRO I 108 -14.27 -9.96 -8.82
C PRO I 108 -14.04 -8.91 -9.89
N GLU I 109 -15.14 -8.48 -10.52
CA GLU I 109 -15.15 -7.38 -11.47
C GLU I 109 -14.18 -7.56 -12.63
N SER I 110 -14.11 -8.77 -13.14
CA SER I 110 -13.22 -9.07 -14.29
C SER I 110 -13.98 -8.88 -15.63
N THR I 111 -13.36 -8.10 -16.54
CA THR I 111 -13.77 -8.14 -17.94
C THR I 111 -13.14 -9.40 -18.57
N LEU I 112 -13.92 -10.09 -19.39
CA LEU I 112 -13.54 -11.34 -20.04
C LEU I 112 -13.40 -11.14 -21.53
N ILE I 113 -12.53 -11.93 -22.14
CA ILE I 113 -12.44 -12.07 -23.61
C ILE I 113 -12.74 -13.52 -23.97
N PHE I 114 -13.69 -13.74 -24.84
CA PHE I 114 -13.94 -15.08 -25.35
C PHE I 114 -13.74 -15.07 -26.84
N ASN I 115 -13.08 -16.08 -27.37
CA ASN I 115 -13.07 -16.36 -28.80
C ASN I 115 -13.90 -17.62 -28.96
N ILE I 116 -14.95 -17.49 -29.75
CA ILE I 116 -15.92 -18.56 -29.90
C ILE I 116 -16.13 -18.87 -31.39
N ASP I 117 -16.03 -20.16 -31.74
CA ASP I 117 -16.16 -20.65 -33.09
C ASP I 117 -17.43 -21.48 -33.19
N LEU I 118 -18.29 -21.17 -34.16
CA LEU I 118 -19.53 -21.92 -34.33
C LEU I 118 -19.35 -23.01 -35.38
N LEU I 119 -19.57 -24.27 -34.96
CA LEU I 119 -19.38 -25.42 -35.83
C LEU I 119 -20.68 -25.93 -36.46
N GLU I 120 -21.80 -25.80 -35.75
CA GLU I 120 -23.09 -26.37 -36.19
C GLU I 120 -24.25 -25.68 -35.45
N ILE I 121 -25.38 -25.54 -36.13
CA ILE I 121 -26.62 -25.06 -35.54
C ILE I 121 -27.67 -26.16 -35.72
N ARG I 122 -28.40 -26.47 -34.62
CA ARG I 122 -29.53 -27.39 -34.69
C ARG I 122 -30.72 -26.79 -34.02
N ASN I 123 -31.90 -27.24 -34.42
CA ASN I 123 -33.14 -26.91 -33.72
C ASN I 123 -33.15 -27.45 -32.30
N GLY I 124 -33.91 -26.81 -31.43
CA GLY I 124 -34.11 -27.34 -30.10
C GLY I 124 -34.99 -28.56 -30.07
N GLY J 6 -7.37 -4.78 -38.89
CA GLY J 6 -7.87 -3.91 -37.81
C GLY J 6 -6.98 -2.67 -37.60
N ALA J 7 -5.77 -2.68 -38.13
CA ALA J 7 -4.82 -1.60 -37.85
C ALA J 7 -5.26 -0.21 -38.38
N LEU J 8 -6.10 -0.18 -39.41
CA LEU J 8 -6.61 1.09 -39.98
C LEU J 8 -8.01 1.50 -39.50
N ILE J 9 -8.55 0.77 -38.55
CA ILE J 9 -9.85 1.14 -37.99
C ILE J 9 -9.63 1.95 -36.71
N PRO J 10 -10.15 3.17 -36.66
CA PRO J 10 -9.94 3.99 -35.50
C PRO J 10 -10.85 3.57 -34.32
N GLU J 11 -10.41 3.87 -33.11
CA GLU J 11 -11.21 3.64 -31.92
C GLU J 11 -12.41 4.60 -31.94
N PRO J 12 -13.56 4.17 -31.40
CA PRO J 12 -14.66 5.11 -31.20
C PRO J 12 -14.17 6.32 -30.42
N GLU J 13 -14.59 7.49 -30.83
CA GLU J 13 -14.11 8.71 -30.20
C GLU J 13 -15.18 9.80 -30.17
N VAL J 14 -15.24 10.53 -29.06
CA VAL J 14 -16.11 11.68 -28.91
CA VAL J 14 -16.14 11.67 -28.92
C VAL J 14 -15.56 12.89 -29.64
N LYS J 15 -16.43 13.70 -30.22
CA LYS J 15 -16.03 15.00 -30.72
C LYS J 15 -16.25 15.99 -29.59
N ILE J 16 -15.22 16.75 -29.27
CA ILE J 16 -15.25 17.73 -28.18
C ILE J 16 -15.18 19.14 -28.77
N GLU J 17 -16.16 19.98 -28.44
CA GLU J 17 -16.12 21.39 -28.83
C GLU J 17 -16.09 22.20 -27.57
N VAL J 18 -15.12 23.10 -27.45
CA VAL J 18 -15.04 23.96 -26.26
C VAL J 18 -15.89 25.19 -26.57
N LEU J 19 -17.01 25.34 -25.86
CA LEU J 19 -17.95 26.45 -26.09
C LEU J 19 -17.52 27.72 -25.36
N GLN J 20 -16.99 27.55 -24.15
CA GLN J 20 -16.55 28.66 -23.31
C GLN J 20 -15.34 28.17 -22.54
N LYS J 21 -14.30 28.97 -22.48
CA LYS J 21 -13.17 28.66 -21.60
C LYS J 21 -12.66 29.96 -20.98
N PRO J 22 -12.55 29.99 -19.64
CA PRO J 22 -12.08 31.24 -19.03
C PRO J 22 -10.59 31.45 -19.31
N PHE J 23 -10.16 32.70 -19.28
CA PHE J 23 -8.77 33.05 -19.50
C PHE J 23 -7.89 32.48 -18.39
N ILE J 24 -8.37 32.52 -17.16
CA ILE J 24 -7.64 31.97 -16.04
C ILE J 24 -7.99 30.49 -15.85
N CYS J 25 -6.97 29.67 -15.66
CA CYS J 25 -7.17 28.27 -15.32
C CYS J 25 -6.06 27.78 -14.39
N HIS J 26 -6.39 27.47 -13.13
CA HIS J 26 -5.39 26.92 -12.22
C HIS J 26 -5.24 25.45 -12.42
N ARG J 27 -6.38 24.78 -12.47
CA ARG J 27 -6.53 23.36 -12.20
C ARG J 27 -7.38 22.76 -13.29
N LYS J 28 -6.91 21.62 -13.81
CA LYS J 28 -7.61 20.90 -14.86
C LYS J 28 -7.96 19.50 -14.39
N THR J 29 -9.11 19.00 -14.82
CA THR J 29 -9.62 17.75 -14.33
C THR J 29 -8.72 16.59 -14.73
N LYS J 30 -8.61 15.62 -13.82
CA LYS J 30 -7.82 14.41 -14.04
C LYS J 30 -8.60 13.27 -13.48
N GLY J 31 -8.19 12.05 -13.82
CA GLY J 31 -8.89 10.88 -13.36
C GLY J 31 -9.02 10.83 -11.85
N GLY J 32 -10.22 10.51 -11.39
CA GLY J 32 -10.50 10.46 -9.94
C GLY J 32 -11.04 11.74 -9.33
N ASP J 33 -10.90 12.88 -10.03
CA ASP J 33 -11.50 14.13 -9.58
C ASP J 33 -13.03 14.05 -9.56
N LEU J 34 -13.61 14.76 -8.59
CA LEU J 34 -15.04 14.99 -8.52
C LEU J 34 -15.33 16.27 -9.25
N MET J 35 -16.28 16.20 -10.18
CA MET J 35 -16.65 17.33 -11.03
C MET J 35 -18.13 17.67 -10.81
N LEU J 36 -18.39 18.93 -10.48
CA LEU J 36 -19.76 19.38 -10.27
C LEU J 36 -20.24 19.99 -11.57
N VAL J 37 -21.23 19.36 -12.21
CA VAL J 37 -21.66 19.79 -13.55
C VAL J 37 -23.15 19.99 -13.69
N HIS J 38 -23.49 20.93 -14.55
CA HIS J 38 -24.81 20.97 -15.20
C HIS J 38 -24.68 20.35 -16.57
N TYR J 39 -25.73 19.70 -17.05
CA TYR J 39 -25.70 19.15 -18.41
C TYR J 39 -27.08 19.10 -19.03
N GLU J 40 -27.08 19.07 -20.37
CA GLU J 40 -28.24 18.72 -21.17
C GLU J 40 -27.82 17.68 -22.19
N GLY J 41 -28.58 16.61 -22.29
CA GLY J 41 -28.30 15.57 -23.27
C GLY J 41 -29.41 15.49 -24.30
N TYR J 42 -29.02 15.43 -25.57
CA TYR J 42 -29.90 15.39 -26.72
C TYR J 42 -29.61 14.20 -27.63
N LEU J 43 -30.62 13.74 -28.35
CA LEU J 43 -30.43 12.74 -29.39
C LEU J 43 -29.98 13.45 -30.67
N GLU J 44 -28.91 13.01 -31.29
CA GLU J 44 -28.47 13.65 -32.52
C GLU J 44 -29.50 13.48 -33.64
N LYS J 45 -30.22 12.35 -33.64
CA LYS J 45 -31.07 12.03 -34.77
C LYS J 45 -32.19 13.05 -35.00
N ASP J 46 -32.83 13.49 -33.91
CA ASP J 46 -33.85 14.51 -34.03
C ASP J 46 -33.57 15.79 -33.22
N GLY J 47 -32.43 15.86 -32.53
CA GLY J 47 -32.09 17.00 -31.72
C GLY J 47 -32.90 17.13 -30.43
N SER J 48 -33.68 16.13 -30.05
CA SER J 48 -34.58 16.23 -28.89
C SER J 48 -33.84 16.04 -27.58
N LEU J 49 -34.28 16.75 -26.54
CA LEU J 49 -33.69 16.63 -25.21
C LEU J 49 -34.16 15.34 -24.54
N PHE J 50 -33.23 14.52 -24.06
CA PHE J 50 -33.61 13.31 -23.31
C PHE J 50 -33.37 13.41 -21.80
N HIS J 51 -32.39 14.18 -21.38
CA HIS J 51 -32.14 14.34 -19.93
C HIS J 51 -31.36 15.58 -19.64
N SER J 52 -31.71 16.27 -18.56
CA SER J 52 -30.91 17.42 -18.13
C SER J 52 -31.02 17.63 -16.63
N THR J 53 -29.99 18.26 -16.08
CA THR J 53 -30.01 18.59 -14.65
C THR J 53 -31.08 19.58 -14.39
N HIS J 54 -31.22 20.53 -15.31
CA HIS J 54 -32.21 21.59 -15.16
C HIS J 54 -33.62 21.04 -15.07
N LYS J 55 -33.97 20.13 -15.98
CA LYS J 55 -35.31 19.58 -16.08
C LYS J 55 -35.55 18.35 -15.19
N HIS J 56 -34.59 17.43 -15.12
CA HIS J 56 -34.81 16.14 -14.45
C HIS J 56 -34.17 16.01 -13.08
N ASN J 57 -33.39 17.01 -12.68
CA ASN J 57 -32.80 16.97 -11.35
C ASN J 57 -33.17 18.19 -10.51
N ASN J 58 -34.39 18.67 -10.69
CA ASN J 58 -34.90 19.80 -9.91
C ASN J 58 -34.03 21.05 -10.02
N GLY J 59 -33.40 21.24 -11.18
CA GLY J 59 -32.52 22.38 -11.39
C GLY J 59 -31.13 22.27 -10.76
N GLN J 60 -30.80 21.16 -10.11
CA GLN J 60 -29.55 21.03 -9.37
C GLN J 60 -28.47 20.33 -10.19
N PRO J 61 -27.20 20.79 -10.06
CA PRO J 61 -26.10 20.10 -10.70
C PRO J 61 -25.82 18.79 -10.02
N ILE J 62 -24.99 17.98 -10.66
CA ILE J 62 -24.65 16.67 -10.11
C ILE J 62 -23.15 16.55 -10.01
N TRP J 63 -22.70 15.68 -9.10
CA TRP J 63 -21.31 15.29 -9.02
C TRP J 63 -21.03 14.12 -9.89
N PHE J 64 -19.93 14.20 -10.63
CA PHE J 64 -19.46 13.14 -11.51
C PHE J 64 -17.99 12.88 -11.20
N THR J 65 -17.67 11.61 -10.99
CA THR J 65 -16.27 11.23 -10.79
C THR J 65 -15.70 10.88 -12.16
N LEU J 66 -14.64 11.56 -12.55
CA LEU J 66 -13.99 11.37 -13.85
C LEU J 66 -13.12 10.12 -13.86
N GLY J 67 -13.24 9.33 -14.91
CA GLY J 67 -12.30 8.26 -15.18
C GLY J 67 -12.52 6.94 -14.51
N ILE J 68 -13.73 6.66 -14.03
CA ILE J 68 -14.03 5.36 -13.40
C ILE J 68 -15.24 4.70 -14.02
N LEU J 69 -15.62 5.18 -15.21
CA LEU J 69 -16.76 4.65 -15.93
C LEU J 69 -18.00 4.66 -15.06
N GLU J 70 -18.19 5.78 -14.37
CA GLU J 70 -19.35 5.99 -13.53
C GLU J 70 -20.62 6.21 -14.37
N ALA J 71 -20.44 6.75 -15.56
CA ALA J 71 -21.56 7.17 -16.39
C ALA J 71 -21.34 6.64 -17.80
N LEU J 72 -21.43 7.47 -18.84
CA LEU J 72 -21.13 7.05 -20.21
C LEU J 72 -19.61 7.05 -20.47
N LYS J 73 -19.13 6.13 -21.28
CA LYS J 73 -17.72 6.12 -21.63
C LYS J 73 -17.31 7.45 -22.28
N GLY J 74 -18.22 8.04 -23.04
CA GLY J 74 -18.00 9.31 -23.72
C GLY J 74 -17.73 10.47 -22.78
N TRP J 75 -18.34 10.42 -21.61
CA TRP J 75 -18.04 11.39 -20.57
C TRP J 75 -16.64 11.29 -20.10
N ASP J 76 -16.18 10.05 -19.85
CA ASP J 76 -14.78 9.85 -19.43
C ASP J 76 -13.82 10.35 -20.51
N GLN J 77 -14.15 10.16 -21.77
CA GLN J 77 -13.29 10.64 -22.86
C GLN J 77 -13.34 12.15 -23.08
N GLY J 78 -14.47 12.75 -22.76
CA GLY J 78 -14.77 14.12 -23.15
C GLY J 78 -14.58 15.18 -22.09
N LEU J 79 -14.31 14.77 -20.85
CA LEU J 79 -14.29 15.71 -19.74
C LEU J 79 -12.94 15.79 -19.02
N LYS J 80 -11.87 15.32 -19.66
CA LYS J 80 -10.52 15.47 -19.14
C LYS J 80 -9.96 16.85 -19.43
N GLY J 81 -9.08 17.31 -18.54
CA GLY J 81 -8.33 18.53 -18.78
C GLY J 81 -9.18 19.80 -18.78
N MET J 82 -10.29 19.76 -18.04
CA MET J 82 -11.30 20.80 -18.08
C MET J 82 -11.10 21.69 -16.88
N CYS J 83 -11.31 22.99 -17.08
CA CYS J 83 -11.23 23.95 -15.97
CA CYS J 83 -11.22 23.98 -15.98
C CYS J 83 -12.59 24.45 -15.51
N VAL J 84 -12.65 24.91 -14.28
CA VAL J 84 -13.89 25.46 -13.72
C VAL J 84 -14.26 26.68 -14.56
N GLY J 85 -15.54 26.77 -14.92
CA GLY J 85 -16.02 27.79 -15.85
C GLY J 85 -16.06 27.37 -17.29
N GLU J 86 -15.41 26.25 -17.63
CA GLU J 86 -15.41 25.77 -19.00
C GLU J 86 -16.75 25.13 -19.31
N LYS J 87 -17.15 25.24 -20.57
CA LYS J 87 -18.31 24.56 -21.09
C LYS J 87 -17.93 23.82 -22.35
N ARG J 88 -18.33 22.54 -22.43
CA ARG J 88 -18.06 21.75 -23.61
C ARG J 88 -19.34 21.18 -24.20
N LYS J 89 -19.30 20.99 -25.50
CA LYS J 89 -20.26 20.17 -26.22
C LYS J 89 -19.57 18.89 -26.63
N LEU J 90 -20.18 17.74 -26.27
CA LEU J 90 -19.68 16.45 -26.66
C LEU J 90 -20.64 15.82 -27.67
N ILE J 91 -20.11 15.33 -28.77
CA ILE J 91 -20.87 14.47 -29.69
C ILE J 91 -20.36 13.03 -29.47
N ILE J 92 -21.25 12.16 -28.98
CA ILE J 92 -20.85 10.83 -28.47
C ILE J 92 -21.45 9.77 -29.38
N PRO J 93 -20.58 8.95 -30.02
CA PRO J 93 -21.10 7.86 -30.83
C PRO J 93 -21.67 6.76 -29.94
N PRO J 94 -22.56 5.93 -30.48
CA PRO J 94 -23.27 4.99 -29.59
C PRO J 94 -22.35 4.03 -28.81
N ALA J 95 -21.22 3.64 -29.37
CA ALA J 95 -20.31 2.75 -28.66
C ALA J 95 -19.80 3.38 -27.37
N LEU J 96 -19.84 4.71 -27.27
CA LEU J 96 -19.41 5.39 -26.06
C LEU J 96 -20.60 5.96 -25.29
N GLY J 97 -21.79 5.59 -25.74
CA GLY J 97 -23.04 6.04 -25.14
C GLY J 97 -23.83 4.81 -24.67
N TYR J 98 -25.05 4.65 -25.20
CA TYR J 98 -25.97 3.56 -24.79
C TYR J 98 -25.97 2.39 -25.73
N GLY J 99 -25.08 2.40 -26.71
CA GLY J 99 -24.78 1.25 -27.51
C GLY J 99 -25.91 0.64 -28.33
N LYS J 100 -25.78 -0.65 -28.59
CA LYS J 100 -26.75 -1.42 -29.37
C LYS J 100 -28.00 -1.64 -28.52
N GLU J 101 -27.86 -1.63 -27.20
CA GLU J 101 -29.01 -1.87 -26.33
C GLU J 101 -29.96 -0.68 -26.27
N GLY J 102 -29.40 0.53 -26.36
CA GLY J 102 -30.15 1.74 -26.00
C GLY J 102 -30.62 1.66 -24.56
N LYS J 103 -31.51 2.55 -24.18
CA LYS J 103 -32.02 2.58 -22.82
C LYS J 103 -33.25 3.42 -22.80
N GLY J 104 -34.38 2.87 -22.38
CA GLY J 104 -35.65 3.61 -22.27
C GLY J 104 -35.97 4.44 -23.48
N LYS J 105 -35.88 5.75 -23.37
CA LYS J 105 -36.20 6.63 -24.49
C LYS J 105 -35.16 6.66 -25.66
N ILE J 106 -33.98 6.12 -25.38
CA ILE J 106 -32.83 6.19 -26.31
C ILE J 106 -32.80 4.92 -27.12
N PRO J 107 -33.07 5.04 -28.44
CA PRO J 107 -33.03 3.86 -29.28
C PRO J 107 -31.63 3.26 -29.40
N PRO J 108 -31.54 1.98 -29.79
CA PRO J 108 -30.27 1.44 -30.25
C PRO J 108 -29.51 2.35 -31.22
N GLU J 109 -28.18 2.32 -31.11
CA GLU J 109 -27.29 2.97 -32.05
C GLU J 109 -27.51 4.49 -32.19
N SER J 110 -27.77 5.15 -31.07
CA SER J 110 -28.02 6.60 -31.08
C SER J 110 -26.75 7.38 -30.79
N THR J 111 -26.47 8.34 -31.66
CA THR J 111 -25.42 9.32 -31.38
C THR J 111 -26.02 10.40 -30.48
N LEU J 112 -25.23 10.85 -29.49
CA LEU J 112 -25.73 11.75 -28.45
C LEU J 112 -24.98 13.07 -28.45
N ILE J 113 -25.67 14.14 -28.04
CA ILE J 113 -25.05 15.45 -27.87
C ILE J 113 -25.22 15.90 -26.45
N PHE J 114 -24.15 16.25 -25.78
CA PHE J 114 -24.21 16.74 -24.39
C PHE J 114 -23.59 18.11 -24.33
N ASN J 115 -24.26 19.06 -23.65
CA ASN J 115 -23.63 20.31 -23.25
C ASN J 115 -23.40 20.15 -21.79
N ILE J 116 -22.14 20.31 -21.38
CA ILE J 116 -21.72 20.09 -20.02
C ILE J 116 -20.91 21.30 -19.53
N ASP J 117 -21.32 21.82 -18.37
CA ASP J 117 -20.73 23.04 -17.77
C ASP J 117 -20.09 22.63 -16.47
N LEU J 118 -18.82 22.97 -16.29
CA LEU J 118 -18.08 22.61 -15.06
C LEU J 118 -18.10 23.73 -14.04
N LEU J 119 -18.68 23.42 -12.88
CA LEU J 119 -18.90 24.41 -11.81
C LEU J 119 -17.85 24.36 -10.71
N GLU J 120 -17.29 23.17 -10.45
CA GLU J 120 -16.37 22.98 -9.34
C GLU J 120 -15.57 21.69 -9.58
N ILE J 121 -14.31 21.69 -9.13
CA ILE J 121 -13.50 20.49 -9.06
C ILE J 121 -13.09 20.21 -7.63
N ARG J 122 -13.19 18.96 -7.21
CA ARG J 122 -12.76 18.55 -5.87
C ARG J 122 -11.94 17.26 -5.96
N ASN J 123 -11.02 17.07 -5.01
CA ASN J 123 -10.30 15.81 -4.88
C ASN J 123 -11.27 14.65 -4.63
N GLY J 124 -10.99 13.49 -5.21
CA GLY J 124 -11.78 12.27 -4.98
C GLY J 124 -11.23 11.45 -3.81
NA NA K . 6.30 10.76 -19.10
P PO4 L . 42.69 15.26 39.72
O1 PO4 L . 42.11 13.88 39.87
O2 PO4 L . 41.76 16.12 40.56
O3 PO4 L . 44.13 15.35 40.25
O4 PO4 L . 42.71 15.58 38.25
#